data_5LAX
#
_entry.id   5LAX
#
_cell.length_a   69.176
_cell.length_b   73.450
_cell.length_c   144.600
_cell.angle_alpha   90.00
_cell.angle_beta   90.00
_cell.angle_gamma   90.00
#
_symmetry.space_group_name_H-M   'P 21 21 21'
#
loop_
_entity.id
_entity.type
_entity.pdbx_description
1 polymer 'HLA class II histocompatibility antigen, DR alpha chain'
2 polymer 'HLA class II histocompatibility antigen, DRB1-4 beta chain'
3 polymer 'alpha-enolase peptideTSKGLFRAAVPSGAS'
4 non-polymer 'MALONIC ACID'
5 water water
#
loop_
_entity_poly.entity_id
_entity_poly.type
_entity_poly.pdbx_seq_one_letter_code
_entity_poly.pdbx_strand_id
1 'polypeptide(L)'
;IKEEHVIIQAEFYLNPDQSGEFMFDFDGDEIFHVDMAKKETVWRLEEFGRFASFEAQGALANIAVDKANLEIMTKRSNYT
PITNVPPEVTVLTNSPVELREPNVLICFIDKFTPPVVNVTWLRNGKPVTTGVSETVFLPREDHLFRKFHYLPFLPSTEDV
YDCRVEHWGLDEPLLKHWEFDSSADLVPR
;
A,C
2 'polypeptide(L)'
;GDTRPRFLEQVKHECHFFNGTERVRFLDRYFYHQEEYVRFDSDVGEYRAVTELGRPDAEYWNSQKDLLEQKRAAVDTYCR
HNYGVGESFTVQRRVYPEVTVYPAKTQPLQHHNLLVCSVNGFYPGSIEVRWFRNGQEEKTGVVSTGLIQNGDWTFQTLVM
LETVPRSGEVYTCQVEHPSLTSPLTVEWRASSADLVPR
;
B,D
3 'polypeptide(L)' TSKGLFRAAVPSGAS E,F
#
loop_
_chem_comp.id
_chem_comp.type
_chem_comp.name
_chem_comp.formula
MLA non-polymer 'MALONIC ACID' 'C3 H4 O4'
#
# COMPACT_ATOMS: atom_id res chain seq x y z
N LYS A 2 15.66 10.04 15.71
CA LYS A 2 15.07 8.74 15.37
C LYS A 2 16.13 7.62 15.50
N GLU A 3 15.63 6.39 15.54
CA GLU A 3 16.44 5.22 15.89
C GLU A 3 17.36 4.73 14.82
N GLU A 4 18.54 4.29 15.25
CA GLU A 4 19.56 3.85 14.33
C GLU A 4 19.16 2.55 13.70
N HIS A 5 18.73 1.57 14.46
CA HIS A 5 18.57 0.26 13.88
C HIS A 5 17.46 -0.50 14.58
N VAL A 6 16.88 -1.47 13.91
CA VAL A 6 15.87 -2.30 14.53
C VAL A 6 16.13 -3.74 14.19
N ILE A 7 16.10 -4.60 15.20
CA ILE A 7 16.19 -6.01 15.01
C ILE A 7 14.89 -6.61 15.46
N ILE A 8 14.19 -7.26 14.55
CA ILE A 8 12.92 -7.87 14.86
C ILE A 8 13.00 -9.36 14.64
N GLN A 9 12.70 -10.12 15.69
CA GLN A 9 12.41 -11.56 15.56
C GLN A 9 10.93 -11.69 15.28
N ALA A 10 10.57 -12.15 14.10
CA ALA A 10 9.14 -12.25 13.71
C ALA A 10 8.71 -13.72 13.52
N GLU A 11 7.61 -14.10 14.13
CA GLU A 11 7.09 -15.47 14.07
C GLU A 11 5.67 -15.39 13.58
N PHE A 12 5.21 -16.44 12.92
CA PHE A 12 3.78 -16.65 12.77
C PHE A 12 3.39 -18.10 12.71
N TYR A 13 2.09 -18.30 12.92
CA TYR A 13 1.45 -19.57 12.61
C TYR A 13 0.12 -19.27 11.96
N LEU A 14 -0.23 -20.06 10.94
CA LEU A 14 -1.43 -19.91 10.15
C LEU A 14 -2.25 -21.21 10.08
N ASN A 15 -3.52 -21.12 10.45
CA ASN A 15 -4.46 -22.20 10.29
C ASN A 15 -5.47 -21.86 9.20
N PRO A 16 -6.05 -22.86 8.56
CA PRO A 16 -5.82 -24.28 8.80
C PRO A 16 -4.62 -24.88 8.06
N ASP A 17 -3.78 -24.04 7.49
CA ASP A 17 -2.60 -24.49 6.69
C ASP A 17 -1.55 -25.20 7.52
N GLN A 18 -1.60 -25.03 8.84
CA GLN A 18 -0.66 -25.63 9.77
C GLN A 18 0.73 -25.17 9.39
N SER A 19 0.93 -23.88 9.11
CA SER A 19 2.26 -23.48 8.62
C SER A 19 2.78 -22.26 9.37
N GLY A 20 4.09 -22.20 9.55
CA GLY A 20 4.71 -21.19 10.43
C GLY A 20 6.07 -20.71 9.96
N GLU A 21 6.47 -19.56 10.49
CA GLU A 21 7.70 -18.91 10.16
C GLU A 21 8.43 -18.40 11.41
N PHE A 22 9.76 -18.43 11.35
CA PHE A 22 10.61 -17.84 12.38
C PHE A 22 11.73 -17.18 11.64
N MET A 23 11.89 -15.87 11.84
CA MET A 23 12.93 -15.13 11.13
C MET A 23 13.43 -13.93 11.88
N PHE A 24 14.65 -13.56 11.57
CA PHE A 24 15.27 -12.35 12.12
C PHE A 24 15.39 -11.36 11.00
N ASP A 25 15.32 -10.09 11.35
CA ASP A 25 15.21 -9.00 10.40
C ASP A 25 16.04 -7.81 10.95
N PHE A 26 16.94 -7.28 10.12
CA PHE A 26 17.74 -6.11 10.48
C PHE A 26 17.43 -5.01 9.48
N ASP A 27 16.75 -3.98 9.95
CA ASP A 27 16.36 -2.85 9.09
C ASP A 27 15.67 -3.31 7.80
N GLY A 28 14.79 -4.28 7.95
CA GLY A 28 13.96 -4.74 6.85
C GLY A 28 14.61 -5.70 5.90
N ASP A 29 15.82 -6.16 6.21
CA ASP A 29 16.45 -7.25 5.47
C ASP A 29 16.55 -8.44 6.41
N GLU A 30 16.48 -9.64 5.85
CA GLU A 30 16.50 -10.87 6.61
C GLU A 30 17.92 -11.34 6.90
N ILE A 31 18.18 -11.67 8.16
CA ILE A 31 19.44 -12.31 8.53
C ILE A 31 19.27 -13.80 8.23
N PHE A 32 18.27 -14.42 8.82
CA PHE A 32 17.99 -15.84 8.60
C PHE A 32 16.56 -16.18 8.91
N HIS A 33 16.20 -17.41 8.61
CA HIS A 33 14.95 -18.03 9.05
C HIS A 33 15.13 -19.52 9.40
N VAL A 34 14.11 -20.13 9.97
CA VAL A 34 14.12 -21.54 10.25
C VAL A 34 13.16 -22.24 9.34
N ASP A 35 13.72 -23.11 8.51
CA ASP A 35 12.96 -24.02 7.67
C ASP A 35 12.33 -25.04 8.61
N MET A 36 11.05 -24.86 8.91
CA MET A 36 10.33 -25.78 9.84
C MET A 36 10.34 -27.26 9.33
N ALA A 37 10.52 -27.42 8.02
CA ALA A 37 10.54 -28.72 7.37
C ALA A 37 11.85 -29.47 7.65
N LYS A 38 12.95 -28.78 7.33
CA LYS A 38 14.27 -29.35 7.56
C LYS A 38 14.79 -29.14 9.00
N LYS A 39 14.11 -28.30 9.77
CA LYS A 39 14.53 -27.92 11.13
C LYS A 39 15.95 -27.32 11.14
N GLU A 40 16.30 -26.56 10.09
CA GLU A 40 17.63 -25.94 9.98
C GLU A 40 17.55 -24.44 9.85
N THR A 41 18.53 -23.76 10.48
CA THR A 41 18.81 -22.34 10.22
C THR A 41 19.29 -22.16 8.77
N VAL A 42 18.78 -21.10 8.14
CA VAL A 42 19.05 -20.78 6.75
C VAL A 42 19.43 -19.32 6.66
N TRP A 43 20.70 -19.07 6.43
CA TRP A 43 21.21 -17.70 6.40
C TRP A 43 20.84 -17.10 5.05
N ARG A 44 20.37 -15.85 5.06
CA ARG A 44 19.98 -15.17 3.83
C ARG A 44 21.19 -15.04 2.92
N LEU A 45 22.35 -14.76 3.51
CA LEU A 45 23.61 -14.79 2.81
C LEU A 45 24.47 -15.82 3.49
N GLU A 46 25.20 -16.59 2.69
CA GLU A 46 26.01 -17.66 3.23
C GLU A 46 27.05 -17.09 4.20
N GLU A 47 27.52 -15.86 3.97
CA GLU A 47 28.58 -15.27 4.80
C GLU A 47 28.16 -15.10 6.26
N PHE A 48 26.87 -14.81 6.50
CA PHE A 48 26.37 -14.59 7.88
C PHE A 48 26.61 -15.81 8.76
N GLY A 49 26.43 -17.00 8.19
CA GLY A 49 26.68 -18.25 8.90
C GLY A 49 28.09 -18.49 9.41
N ARG A 50 29.10 -17.91 8.77
CA ARG A 50 30.51 -17.98 9.21
C ARG A 50 30.72 -17.20 10.51
N PHE A 51 29.95 -16.11 10.66
CA PHE A 51 30.07 -15.19 11.77
C PHE A 51 29.17 -15.54 12.94
N ALA A 52 28.01 -16.18 12.70
CA ALA A 52 27.06 -16.45 13.76
C ALA A 52 26.45 -17.85 13.71
N SER A 53 25.67 -18.14 14.74
CA SER A 53 24.89 -19.36 14.82
C SER A 53 23.53 -19.17 15.51
N PHE A 54 22.65 -20.15 15.28
CA PHE A 54 21.32 -20.17 15.86
C PHE A 54 20.77 -21.60 16.05
N GLU A 55 20.39 -21.90 17.27
CA GLU A 55 19.79 -23.17 17.64
C GLU A 55 18.37 -23.25 17.14
N ALA A 56 18.22 -23.94 16.01
CA ALA A 56 16.95 -24.01 15.32
C ALA A 56 15.84 -24.65 16.15
N GLN A 57 16.17 -25.63 16.98
CA GLN A 57 15.16 -26.28 17.84
C GLN A 57 14.35 -25.29 18.68
N GLY A 58 15.02 -24.22 19.13
CA GLY A 58 14.39 -23.15 19.89
C GLY A 58 13.30 -22.40 19.11
N ALA A 59 13.49 -22.26 17.79
CA ALA A 59 12.46 -21.66 16.91
C ALA A 59 11.20 -22.50 16.84
N LEU A 60 11.35 -23.81 16.77
CA LEU A 60 10.22 -24.71 16.64
C LEU A 60 9.38 -24.75 17.90
N ALA A 61 10.00 -24.51 19.05
CA ALA A 61 9.29 -24.46 20.31
C ALA A 61 8.44 -23.23 20.33
N ASN A 62 9.07 -22.11 20.01
CA ASN A 62 8.30 -20.86 19.90
C ASN A 62 7.03 -21.06 19.07
N ILE A 63 7.17 -21.77 17.94
CA ILE A 63 6.08 -21.95 16.95
C ILE A 63 4.96 -22.78 17.54
N ALA A 64 5.33 -23.80 18.28
CA ALA A 64 4.34 -24.58 18.99
C ALA A 64 3.57 -23.70 19.98
N VAL A 65 4.24 -22.83 20.70
CA VAL A 65 3.52 -21.90 21.57
C VAL A 65 2.57 -21.02 20.75
N ASP A 66 3.06 -20.53 19.62
CA ASP A 66 2.22 -19.70 18.74
C ASP A 66 0.96 -20.42 18.18
N LYS A 67 1.10 -21.72 17.88
CA LYS A 67 0.00 -22.53 17.38
C LYS A 67 -1.03 -22.65 18.50
N ALA A 68 -0.57 -22.99 19.69
CA ALA A 68 -1.48 -23.22 20.78
C ALA A 68 -2.18 -21.94 21.15
N ASN A 69 -1.45 -20.84 21.11
CA ASN A 69 -2.06 -19.51 21.35
C ASN A 69 -3.07 -19.16 20.29
N LEU A 70 -2.79 -19.52 19.07
CA LEU A 70 -3.71 -19.18 17.98
C LEU A 70 -5.06 -19.78 18.23
N GLU A 71 -5.08 -21.05 18.68
CA GLU A 71 -6.33 -21.74 18.97
C GLU A 71 -7.13 -20.96 19.98
N ILE A 72 -6.46 -20.50 21.02
CA ILE A 72 -7.10 -19.71 22.05
C ILE A 72 -7.66 -18.42 21.44
N MET A 73 -6.87 -17.74 20.63
CA MET A 73 -7.28 -16.45 20.10
C MET A 73 -8.45 -16.58 19.12
N THR A 74 -8.44 -17.63 18.32
CA THR A 74 -9.52 -17.91 17.41
C THR A 74 -10.87 -17.97 18.13
N LYS A 75 -10.94 -18.75 19.21
CA LYS A 75 -12.13 -18.85 20.10
C LYS A 75 -12.51 -17.53 20.67
N ARG A 76 -11.53 -16.83 21.18
CA ARG A 76 -11.77 -15.60 21.88
C ARG A 76 -12.37 -14.52 20.95
N SER A 77 -12.09 -14.62 19.64
CA SER A 77 -12.63 -13.70 18.64
C SER A 77 -13.93 -14.13 18.02
N ASN A 78 -14.50 -15.24 18.52
CA ASN A 78 -15.73 -15.79 17.96
C ASN A 78 -15.45 -16.24 16.53
N TYR A 79 -14.27 -16.82 16.32
CA TYR A 79 -13.91 -17.49 15.06
C TYR A 79 -13.94 -16.51 13.93
N THR A 80 -13.50 -15.30 14.24
CA THR A 80 -13.41 -14.22 13.26
C THR A 80 -12.10 -14.47 12.52
N PRO A 81 -12.14 -14.63 11.17
CA PRO A 81 -10.95 -14.93 10.38
C PRO A 81 -10.27 -13.67 9.85
N ILE A 82 -9.14 -13.83 9.17
CA ILE A 82 -8.41 -12.70 8.64
C ILE A 82 -9.07 -12.24 7.37
N THR A 83 -9.03 -10.93 7.14
CA THR A 83 -9.49 -10.31 5.90
C THR A 83 -8.33 -10.29 4.91
N ASN A 84 -8.55 -10.83 3.73
CA ASN A 84 -7.51 -10.86 2.70
C ASN A 84 -7.15 -9.46 2.30
N VAL A 85 -5.85 -9.18 2.24
CA VAL A 85 -5.37 -7.97 1.66
C VAL A 85 -4.55 -8.45 0.45
N PRO A 86 -5.03 -8.14 -0.78
CA PRO A 86 -4.26 -8.59 -1.93
C PRO A 86 -2.97 -7.79 -2.13
N PRO A 87 -1.95 -8.42 -2.68
CA PRO A 87 -0.62 -7.83 -2.90
C PRO A 87 -0.50 -6.88 -4.03
N GLU A 88 0.46 -5.97 -3.89
CA GLU A 88 1.00 -5.16 -4.98
C GLU A 88 2.21 -5.85 -5.54
N VAL A 89 2.42 -5.83 -6.83
CA VAL A 89 3.55 -6.56 -7.40
C VAL A 89 4.28 -5.60 -8.28
N THR A 90 5.61 -5.64 -8.23
CA THR A 90 6.47 -4.81 -9.05
C THR A 90 7.58 -5.72 -9.56
N VAL A 91 7.96 -5.59 -10.83
CA VAL A 91 9.10 -6.32 -11.39
C VAL A 91 10.18 -5.32 -11.77
N LEU A 92 11.41 -5.64 -11.43
CA LEU A 92 12.54 -4.81 -11.79
C LEU A 92 13.85 -5.60 -11.95
N THR A 93 14.81 -4.97 -12.61
CA THR A 93 16.03 -5.67 -12.88
C THR A 93 16.99 -5.34 -11.78
N ASN A 94 17.96 -6.22 -11.59
CA ASN A 94 18.98 -6.00 -10.58
C ASN A 94 19.87 -4.84 -10.94
N SER A 95 20.37 -4.86 -12.18
CA SER A 95 21.14 -3.76 -12.74
C SER A 95 20.52 -3.36 -14.08
N PRO A 96 20.96 -2.24 -14.68
CA PRO A 96 20.41 -1.84 -15.99
C PRO A 96 20.67 -2.87 -17.06
N VAL A 97 19.85 -2.85 -18.08
CA VAL A 97 19.74 -3.96 -18.97
C VAL A 97 20.60 -3.71 -20.17
N GLU A 98 21.52 -4.64 -20.43
CA GLU A 98 22.26 -4.71 -21.69
C GLU A 98 22.08 -6.10 -22.27
N LEU A 99 22.02 -6.16 -23.59
CA LEU A 99 21.82 -7.44 -24.26
C LEU A 99 22.93 -8.42 -23.96
N ARG A 100 22.54 -9.69 -23.79
CA ARG A 100 23.46 -10.81 -23.59
C ARG A 100 24.30 -10.78 -22.27
N GLU A 101 24.01 -9.81 -21.41
CA GLU A 101 24.80 -9.53 -20.21
C GLU A 101 24.04 -10.06 -19.01
N PRO A 102 24.59 -11.07 -18.29
CA PRO A 102 23.88 -11.66 -17.15
C PRO A 102 23.20 -10.65 -16.24
N ASN A 103 21.94 -10.91 -15.89
CA ASN A 103 21.16 -10.04 -15.03
C ASN A 103 20.17 -10.87 -14.20
N VAL A 104 19.37 -10.22 -13.36
CA VAL A 104 18.39 -10.89 -12.49
C VAL A 104 17.11 -10.06 -12.47
N LEU A 105 16.00 -10.74 -12.73
CA LEU A 105 14.67 -10.14 -12.57
C LEU A 105 14.24 -10.35 -11.13
N ILE A 106 13.75 -9.28 -10.54
CA ILE A 106 13.25 -9.30 -9.16
C ILE A 106 11.75 -9.05 -9.14
N CYS A 107 11.02 -9.98 -8.54
CA CYS A 107 9.60 -9.80 -8.23
C CYS A 107 9.39 -9.36 -6.78
N PHE A 108 9.07 -8.09 -6.61
CA PHE A 108 8.72 -7.53 -5.31
C PHE A 108 7.23 -7.61 -5.12
N ILE A 109 6.82 -8.45 -4.17
CA ILE A 109 5.42 -8.64 -3.77
C ILE A 109 5.20 -8.02 -2.38
N ASP A 110 4.37 -6.98 -2.35
CA ASP A 110 4.22 -6.10 -1.19
C ASP A 110 2.80 -6.05 -0.64
N LYS A 111 2.69 -5.61 0.61
CA LYS A 111 1.43 -5.24 1.34
C LYS A 111 0.29 -6.22 1.26
N PHE A 112 0.56 -7.47 1.62
CA PHE A 112 -0.48 -8.52 1.61
C PHE A 112 -0.56 -9.33 2.92
N THR A 113 -1.68 -10.01 3.07
CA THR A 113 -1.90 -11.01 4.09
C THR A 113 -3.15 -11.85 3.70
N PRO A 114 -3.27 -13.12 4.12
CA PRO A 114 -2.29 -13.90 4.88
C PRO A 114 -1.06 -14.26 4.07
N PRO A 115 0.03 -14.75 4.73
CA PRO A 115 1.29 -15.10 4.10
C PRO A 115 1.22 -16.45 3.40
N VAL A 116 0.46 -16.47 2.32
CA VAL A 116 0.40 -17.60 1.39
C VAL A 116 0.30 -17.00 0.02
N VAL A 117 1.27 -17.32 -0.83
CA VAL A 117 1.23 -16.91 -2.22
C VAL A 117 1.81 -17.97 -3.08
N ASN A 118 1.21 -18.13 -4.25
CA ASN A 118 1.73 -18.93 -5.33
C ASN A 118 2.35 -17.98 -6.35
N VAL A 119 3.66 -18.11 -6.55
CA VAL A 119 4.40 -17.25 -7.45
C VAL A 119 5.05 -18.11 -8.50
N THR A 120 5.08 -17.62 -9.74
CA THR A 120 5.68 -18.34 -10.87
C THR A 120 6.28 -17.33 -11.85
N TRP A 121 7.55 -17.50 -12.18
CA TRP A 121 8.13 -16.79 -13.29
C TRP A 121 7.73 -17.40 -14.62
N LEU A 122 7.30 -16.58 -15.57
CA LEU A 122 6.90 -17.05 -16.86
C LEU A 122 7.79 -16.45 -17.91
N ARG A 123 8.34 -17.27 -18.79
CA ARG A 123 9.07 -16.76 -19.93
C ARG A 123 8.25 -17.13 -21.14
N ASN A 124 7.79 -16.14 -21.89
CA ASN A 124 6.92 -16.34 -23.05
C ASN A 124 5.69 -17.24 -22.70
N GLY A 125 5.03 -16.93 -21.59
CA GLY A 125 3.87 -17.68 -21.10
C GLY A 125 4.06 -19.11 -20.59
N LYS A 126 5.31 -19.52 -20.36
CA LYS A 126 5.66 -20.88 -19.90
C LYS A 126 6.49 -20.81 -18.63
N PRO A 127 6.18 -21.65 -17.63
CA PRO A 127 6.92 -21.51 -16.36
C PRO A 127 8.41 -21.79 -16.47
N VAL A 128 9.17 -21.21 -15.56
CA VAL A 128 10.63 -21.37 -15.46
C VAL A 128 11.04 -21.56 -14.04
N THR A 129 11.52 -22.74 -13.67
CA THR A 129 12.15 -22.90 -12.36
C THR A 129 13.67 -22.76 -12.33
N THR A 130 14.33 -22.81 -13.46
CA THR A 130 15.75 -23.08 -13.41
C THR A 130 16.53 -21.84 -12.92
N GLY A 131 17.25 -22.02 -11.82
CA GLY A 131 18.14 -20.98 -11.19
C GLY A 131 17.48 -19.95 -10.27
N VAL A 132 16.19 -20.16 -9.93
CA VAL A 132 15.37 -19.16 -9.26
C VAL A 132 15.47 -19.35 -7.76
N SER A 133 15.08 -18.32 -7.05
CA SER A 133 15.17 -18.30 -5.58
C SER A 133 14.09 -17.38 -5.04
N GLU A 134 13.83 -17.47 -3.75
CA GLU A 134 12.82 -16.63 -3.11
C GLU A 134 13.19 -16.43 -1.64
N THR A 135 12.69 -15.35 -1.09
CA THR A 135 12.72 -15.16 0.36
C THR A 135 11.50 -15.82 0.96
N VAL A 136 11.54 -15.96 2.26
CA VAL A 136 10.33 -16.18 3.05
C VAL A 136 9.54 -14.86 3.18
N PHE A 137 8.45 -14.88 3.93
CA PHE A 137 7.57 -13.72 4.00
C PHE A 137 8.17 -12.82 5.04
N LEU A 138 8.35 -11.56 4.67
CA LEU A 138 9.02 -10.57 5.51
C LEU A 138 8.01 -9.64 6.14
N PRO A 139 8.22 -9.28 7.41
CA PRO A 139 7.24 -8.49 8.13
C PRO A 139 7.27 -7.03 7.69
N ARG A 140 6.13 -6.35 7.80
CA ARG A 140 6.04 -4.92 7.57
C ARG A 140 5.56 -4.27 8.87
N GLU A 141 5.82 -2.96 9.02
CA GLU A 141 5.36 -2.24 10.19
C GLU A 141 3.86 -2.17 10.37
N ASP A 142 3.12 -2.32 9.27
CA ASP A 142 1.65 -2.35 9.31
C ASP A 142 1.11 -3.78 9.49
N HIS A 143 1.99 -4.78 9.67
CA HIS A 143 1.62 -6.16 10.03
C HIS A 143 1.13 -7.02 8.87
N LEU A 144 1.29 -6.46 7.67
CA LEU A 144 1.21 -7.19 6.43
C LEU A 144 2.60 -7.75 6.17
N PHE A 145 2.79 -8.24 4.95
CA PHE A 145 3.98 -8.96 4.57
C PHE A 145 4.49 -8.50 3.25
N ARG A 146 5.78 -8.75 3.05
CA ARG A 146 6.36 -8.63 1.75
C ARG A 146 7.24 -9.83 1.46
N LYS A 147 7.60 -10.01 0.19
CA LYS A 147 8.27 -11.21 -0.28
C LYS A 147 8.94 -10.86 -1.59
N PHE A 148 10.10 -11.47 -1.87
CA PHE A 148 10.81 -11.31 -3.15
C PHE A 148 11.06 -12.66 -3.82
N HIS A 149 11.05 -12.67 -5.15
CA HIS A 149 11.47 -13.81 -5.92
C HIS A 149 12.50 -13.32 -6.92
N TYR A 150 13.39 -14.24 -7.35
CA TYR A 150 14.50 -13.91 -8.20
C TYR A 150 14.62 -14.91 -9.36
N LEU A 151 14.80 -14.38 -10.58
CA LEU A 151 15.10 -15.15 -11.81
C LEU A 151 16.34 -14.67 -12.59
N PRO A 152 17.42 -15.47 -12.57
CA PRO A 152 18.52 -15.12 -13.47
C PRO A 152 18.17 -15.32 -14.95
N PHE A 153 18.63 -14.37 -15.76
CA PHE A 153 18.33 -14.35 -17.19
C PHE A 153 19.33 -13.54 -18.01
N LEU A 154 19.41 -13.87 -19.30
CA LEU A 154 20.22 -13.15 -20.26
C LEU A 154 19.27 -12.34 -21.10
N PRO A 155 19.35 -10.99 -21.03
CA PRO A 155 18.37 -10.18 -21.74
C PRO A 155 18.34 -10.47 -23.22
N SER A 156 17.18 -10.22 -23.84
CA SER A 156 16.94 -10.51 -25.23
C SER A 156 15.76 -9.73 -25.81
N THR A 157 15.85 -9.42 -27.11
CA THR A 157 14.75 -8.88 -27.90
C THR A 157 13.68 -9.92 -28.17
N GLU A 158 14.06 -11.19 -28.13
CA GLU A 158 13.10 -12.26 -28.40
C GLU A 158 12.21 -12.68 -27.24
N ASP A 159 12.69 -12.50 -26.00
CA ASP A 159 12.00 -12.97 -24.80
C ASP A 159 11.08 -11.94 -24.17
N VAL A 160 9.93 -12.42 -23.68
CA VAL A 160 9.17 -11.67 -22.69
C VAL A 160 9.02 -12.44 -21.42
N TYR A 161 8.90 -11.72 -20.31
CA TYR A 161 8.81 -12.29 -18.97
C TYR A 161 7.62 -11.74 -18.17
N ASP A 162 7.17 -12.57 -17.22
CA ASP A 162 6.13 -12.17 -16.29
C ASP A 162 6.36 -12.76 -14.91
N CYS A 163 5.82 -12.07 -13.91
CA CYS A 163 5.75 -12.58 -12.52
C CYS A 163 4.27 -12.82 -12.23
N ARG A 164 3.90 -14.08 -12.05
CA ARG A 164 2.49 -14.47 -11.91
C ARG A 164 2.29 -14.76 -10.47
N VAL A 165 1.39 -13.99 -9.85
CA VAL A 165 1.16 -14.03 -8.43
C VAL A 165 -0.30 -14.39 -8.17
N GLU A 166 -0.51 -15.48 -7.43
CA GLU A 166 -1.84 -15.89 -6.95
C GLU A 166 -1.96 -15.60 -5.48
N HIS A 167 -3.14 -15.22 -5.04
CA HIS A 167 -3.39 -14.92 -3.64
C HIS A 167 -4.90 -14.82 -3.44
N TRP A 168 -5.40 -15.24 -2.28
CA TRP A 168 -6.86 -15.40 -2.15
C TRP A 168 -7.65 -14.08 -2.25
N GLY A 169 -7.05 -12.98 -1.78
CA GLY A 169 -7.52 -11.61 -2.04
C GLY A 169 -7.60 -11.04 -3.45
N LEU A 170 -7.05 -11.76 -4.44
CA LEU A 170 -7.20 -11.46 -5.87
C LEU A 170 -8.22 -12.34 -6.56
N ASP A 171 -9.09 -11.74 -7.37
CA ASP A 171 -10.08 -12.50 -8.18
C ASP A 171 -9.42 -13.45 -9.17
N GLU A 172 -8.30 -12.98 -9.71
CA GLU A 172 -7.59 -13.57 -10.81
C GLU A 172 -6.11 -13.50 -10.49
N PRO A 173 -5.32 -14.38 -11.09
CA PRO A 173 -3.90 -14.21 -11.01
C PRO A 173 -3.47 -12.85 -11.54
N LEU A 174 -2.44 -12.28 -10.94
CA LEU A 174 -1.92 -10.97 -11.31
C LEU A 174 -0.58 -11.21 -12.01
N LEU A 175 -0.47 -10.78 -13.26
CA LEU A 175 0.82 -10.82 -13.95
C LEU A 175 1.49 -9.46 -13.97
N LYS A 176 2.75 -9.40 -13.60
CA LYS A 176 3.51 -8.18 -13.85
C LYS A 176 4.55 -8.46 -14.91
N HIS A 177 4.53 -7.61 -15.91
CA HIS A 177 5.20 -7.87 -17.17
C HIS A 177 6.48 -7.11 -17.27
N TRP A 178 7.44 -7.72 -17.94
CA TRP A 178 8.71 -7.06 -18.23
C TRP A 178 9.25 -7.56 -19.57
N GLU A 179 9.88 -6.67 -20.33
CA GLU A 179 10.52 -7.00 -21.63
C GLU A 179 11.63 -6.02 -21.97
N PHE A 180 12.59 -6.48 -22.78
CA PHE A 180 13.67 -5.59 -23.19
C PHE A 180 13.11 -4.39 -23.92
N ASP A 181 13.63 -3.25 -23.50
CA ASP A 181 12.93 -2.00 -23.53
C ASP A 181 12.98 -1.21 -24.86
N SER A 182 13.91 -1.59 -25.76
CA SER A 182 14.22 -0.86 -27.02
C SER A 182 13.02 -0.20 -27.72
N GLY B 1 -7.79 -20.22 -5.23
CA GLY B 1 -8.09 -21.68 -5.17
C GLY B 1 -8.75 -22.05 -3.86
N ASP B 2 -8.00 -21.89 -2.75
CA ASP B 2 -8.50 -22.22 -1.38
C ASP B 2 -9.27 -21.03 -0.72
N THR B 3 -10.59 -21.20 -0.53
CA THR B 3 -11.49 -20.15 -0.02
C THR B 3 -11.89 -20.38 1.45
N ARG B 4 -11.30 -21.39 2.08
CA ARG B 4 -11.46 -21.64 3.52
C ARG B 4 -10.96 -20.46 4.30
N PRO B 5 -11.73 -20.09 5.33
CA PRO B 5 -11.29 -18.95 6.08
C PRO B 5 -9.97 -19.25 6.83
N ARG B 6 -9.14 -18.24 6.99
CA ARG B 6 -7.84 -18.34 7.59
C ARG B 6 -7.70 -17.58 8.91
N PHE B 7 -6.76 -18.05 9.74
CA PHE B 7 -6.53 -17.58 11.10
C PHE B 7 -5.03 -17.51 11.36
N LEU B 8 -4.55 -16.34 11.81
CA LEU B 8 -3.13 -16.02 11.85
C LEU B 8 -2.69 -15.42 13.19
N GLU B 9 -1.66 -16.01 13.79
CA GLU B 9 -1.00 -15.46 14.95
C GLU B 9 0.38 -14.95 14.50
N GLN B 10 0.72 -13.69 14.79
CA GLN B 10 2.08 -13.18 14.64
C GLN B 10 2.59 -12.76 16.00
N VAL B 11 3.90 -12.85 16.18
CA VAL B 11 4.61 -12.32 17.36
C VAL B 11 5.86 -11.63 16.86
N LYS B 12 6.05 -10.40 17.32
CA LYS B 12 7.21 -9.64 16.96
C LYS B 12 7.89 -9.20 18.25
N HIS B 13 9.10 -9.68 18.42
CA HIS B 13 9.97 -9.20 19.44
C HIS B 13 10.94 -8.18 18.81
N GLU B 14 10.82 -6.91 19.17
CA GLU B 14 11.56 -5.82 18.50
C GLU B 14 12.55 -5.12 19.42
N CYS B 15 13.78 -4.91 18.93
CA CYS B 15 14.78 -4.15 19.65
C CYS B 15 15.13 -2.89 18.86
N HIS B 16 14.86 -1.73 19.43
CA HIS B 16 15.13 -0.48 18.77
C HIS B 16 16.33 0.20 19.43
N PHE B 17 17.34 0.53 18.62
CA PHE B 17 18.62 1.04 19.10
C PHE B 17 18.81 2.50 18.73
N PHE B 18 19.13 3.34 19.69
CA PHE B 18 19.41 4.76 19.48
C PHE B 18 20.79 5.04 20.06
N ASN B 19 21.57 5.86 19.36
CA ASN B 19 22.95 6.22 19.77
C ASN B 19 23.82 5.01 20.12
N GLY B 20 24.12 4.20 19.10
CA GLY B 20 24.76 2.90 19.29
C GLY B 20 23.81 1.97 20.01
N THR B 21 24.20 1.56 21.21
CA THR B 21 23.32 0.78 22.10
C THR B 21 23.04 1.55 23.40
N GLU B 22 23.41 2.83 23.47
CA GLU B 22 23.28 3.62 24.71
C GLU B 22 21.80 3.89 25.12
N ARG B 23 20.83 3.76 24.21
CA ARG B 23 19.42 3.63 24.57
C ARG B 23 18.83 2.48 23.76
N VAL B 24 18.23 1.52 24.45
CA VAL B 24 17.55 0.42 23.78
C VAL B 24 16.13 0.30 24.24
N ARG B 25 15.21 0.13 23.30
CA ARG B 25 13.83 -0.18 23.58
C ARG B 25 13.40 -1.52 23.03
N PHE B 26 12.83 -2.32 23.93
CA PHE B 26 12.38 -3.67 23.65
C PHE B 26 10.86 -3.66 23.66
N LEU B 27 10.28 -4.18 22.58
CA LEU B 27 8.83 -4.40 22.44
C LEU B 27 8.53 -5.86 22.14
N ASP B 28 7.58 -6.43 22.89
CA ASP B 28 7.15 -7.81 22.70
C ASP B 28 5.73 -7.70 22.26
N ARG B 29 5.46 -8.02 21.02
CA ARG B 29 4.18 -7.66 20.40
C ARG B 29 3.46 -8.89 19.86
N TYR B 30 2.17 -9.02 20.17
CA TYR B 30 1.37 -10.14 19.75
C TYR B 30 0.24 -9.70 18.86
N PHE B 31 0.00 -10.42 17.77
CA PHE B 31 -0.96 -10.01 16.76
C PHE B 31 -1.94 -11.14 16.47
N TYR B 32 -3.21 -10.78 16.25
CA TYR B 32 -4.22 -11.74 15.78
C TYR B 32 -4.75 -11.16 14.49
N HIS B 33 -4.45 -11.84 13.40
CA HIS B 33 -4.58 -11.30 12.08
C HIS B 33 -3.58 -10.16 11.92
N GLN B 34 -4.03 -8.93 11.72
CA GLN B 34 -3.16 -7.78 11.79
C GLN B 34 -3.30 -6.95 13.05
N GLU B 35 -4.10 -7.36 14.02
CA GLU B 35 -4.40 -6.46 15.15
C GLU B 35 -3.47 -6.78 16.28
N GLU B 36 -2.64 -5.82 16.66
CA GLU B 36 -1.88 -5.95 17.87
C GLU B 36 -2.92 -6.04 18.99
N TYR B 37 -2.79 -7.07 19.84
CA TYR B 37 -3.70 -7.23 20.98
C TYR B 37 -3.07 -7.05 22.36
N VAL B 38 -1.77 -7.32 22.48
CA VAL B 38 -1.04 -7.13 23.72
C VAL B 38 0.45 -6.97 23.44
N ARG B 39 1.09 -6.11 24.22
CA ARG B 39 2.49 -5.84 24.09
C ARG B 39 3.13 -5.55 25.41
N PHE B 40 4.40 -5.88 25.52
CA PHE B 40 5.26 -5.42 26.62
C PHE B 40 6.23 -4.41 26.02
N ASP B 41 6.36 -3.25 26.63
CA ASP B 41 7.21 -2.20 26.16
C ASP B 41 8.14 -1.88 27.33
N SER B 42 9.47 -2.04 27.14
CA SER B 42 10.46 -1.84 28.21
C SER B 42 10.35 -0.48 28.86
N ASP B 43 9.90 0.53 28.12
CA ASP B 43 9.63 1.84 28.70
C ASP B 43 8.46 1.91 29.67
N VAL B 44 7.50 1.00 29.55
CA VAL B 44 6.37 0.88 30.47
C VAL B 44 6.71 -0.11 31.57
N GLY B 45 7.27 -1.26 31.20
CA GLY B 45 7.78 -2.22 32.18
C GLY B 45 6.76 -3.22 32.61
N GLU B 46 5.59 -3.22 31.98
CA GLU B 46 4.65 -4.31 32.09
C GLU B 46 3.88 -4.44 30.80
N TYR B 47 3.14 -5.55 30.70
CA TYR B 47 2.27 -5.81 29.56
C TYR B 47 1.05 -4.89 29.62
N ARG B 48 0.63 -4.42 28.45
CA ARG B 48 -0.57 -3.58 28.29
C ARG B 48 -1.37 -4.13 27.12
N ALA B 49 -2.67 -4.26 27.34
CA ALA B 49 -3.57 -4.70 26.30
C ALA B 49 -3.75 -3.56 25.34
N VAL B 50 -3.60 -3.87 24.06
CA VAL B 50 -3.80 -2.93 23.00
C VAL B 50 -5.27 -2.96 22.61
N THR B 51 -5.84 -4.16 22.47
CA THR B 51 -7.26 -4.27 22.15
C THR B 51 -7.90 -5.08 23.24
N GLU B 52 -9.20 -4.94 23.43
CA GLU B 52 -9.93 -5.72 24.45
C GLU B 52 -9.61 -7.22 24.42
N LEU B 53 -9.32 -7.71 23.25
CA LEU B 53 -8.93 -9.10 23.06
C LEU B 53 -7.68 -9.52 23.87
N GLY B 54 -6.83 -8.55 24.21
CA GLY B 54 -5.63 -8.79 24.99
C GLY B 54 -5.71 -8.62 26.49
N ARG B 55 -6.84 -8.19 27.04
CA ARG B 55 -6.91 -7.98 28.48
C ARG B 55 -6.61 -9.23 29.27
N PRO B 56 -7.19 -10.36 28.88
CA PRO B 56 -6.95 -11.56 29.66
C PRO B 56 -5.49 -11.94 29.69
N ASP B 57 -4.79 -11.65 28.60
CA ASP B 57 -3.36 -11.92 28.56
C ASP B 57 -2.54 -10.90 29.36
N ALA B 58 -2.83 -9.61 29.24
CA ALA B 58 -2.11 -8.58 30.00
C ALA B 58 -2.21 -8.85 31.50
N GLU B 59 -3.42 -9.16 31.96
CA GLU B 59 -3.71 -9.32 33.38
C GLU B 59 -3.06 -10.60 33.94
N TYR B 60 -3.09 -11.69 33.17
CA TYR B 60 -2.47 -12.98 33.56
C TYR B 60 -0.95 -12.95 33.63
N TRP B 61 -0.36 -12.43 32.57
CA TRP B 61 1.08 -12.29 32.47
C TRP B 61 1.67 -11.27 33.46
N ASN B 62 1.00 -10.15 33.66
CA ASN B 62 1.46 -9.21 34.67
C ASN B 62 1.42 -9.79 36.10
N SER B 63 0.61 -10.83 36.34
CA SER B 63 0.61 -11.53 37.64
C SER B 63 1.77 -12.51 37.83
N GLN B 64 2.60 -12.68 36.80
CA GLN B 64 3.74 -13.56 36.84
C GLN B 64 5.01 -12.72 37.01
N LYS B 65 5.52 -12.64 38.25
CA LYS B 65 6.73 -11.85 38.58
C LYS B 65 7.95 -12.26 37.80
N ASP B 66 8.21 -13.56 37.71
CA ASP B 66 9.38 -14.03 36.96
C ASP B 66 9.31 -13.63 35.54
N LEU B 67 8.12 -13.67 34.96
CA LEU B 67 7.95 -13.31 33.58
C LEU B 67 8.34 -11.85 33.37
N LEU B 68 7.81 -10.95 34.19
CA LEU B 68 8.12 -9.52 34.05
C LEU B 68 9.60 -9.18 34.22
N GLU B 69 10.24 -9.73 35.24
CA GLU B 69 11.66 -9.48 35.47
C GLU B 69 12.43 -9.94 34.21
N GLN B 70 11.99 -11.05 33.64
CA GLN B 70 12.60 -11.59 32.44
C GLN B 70 12.44 -10.63 31.23
N LYS B 71 11.25 -10.07 31.05
CA LYS B 71 11.03 -9.07 29.99
C LYS B 71 11.74 -7.76 30.24
N ARG B 72 11.84 -7.42 31.51
CA ARG B 72 12.60 -6.25 31.92
C ARG B 72 14.12 -6.35 31.71
N ALA B 73 14.65 -7.57 31.64
CA ALA B 73 16.08 -7.82 31.35
C ALA B 73 16.39 -7.92 29.87
N ALA B 74 15.34 -8.06 29.04
CA ALA B 74 15.48 -8.24 27.59
C ALA B 74 16.24 -7.16 26.86
N VAL B 75 16.24 -5.94 27.36
CA VAL B 75 17.08 -4.93 26.73
C VAL B 75 18.53 -5.39 26.68
N ASP B 76 18.99 -6.11 27.72
CA ASP B 76 20.36 -6.57 27.81
C ASP B 76 20.55 -7.97 27.31
N THR B 77 19.73 -8.90 27.81
CA THR B 77 19.95 -10.32 27.53
C THR B 77 19.62 -10.69 26.09
N TYR B 78 18.71 -9.94 25.50
CA TYR B 78 18.18 -10.22 24.18
C TYR B 78 18.64 -9.17 23.21
N CYS B 79 18.31 -7.91 23.43
CA CYS B 79 18.63 -6.88 22.46
C CYS B 79 20.13 -6.56 22.30
N ARG B 80 20.78 -6.20 23.40
CA ARG B 80 22.20 -5.90 23.35
C ARG B 80 22.97 -7.16 22.96
N HIS B 81 22.58 -8.29 23.51
CA HIS B 81 23.26 -9.51 23.15
C HIS B 81 23.29 -9.72 21.65
N ASN B 82 22.12 -9.68 21.03
CA ASN B 82 22.01 -9.93 19.60
C ASN B 82 22.59 -8.83 18.74
N TYR B 83 22.51 -7.58 19.21
CA TYR B 83 23.22 -6.49 18.56
C TYR B 83 24.70 -6.81 18.50
N GLY B 84 25.26 -7.29 19.62
CA GLY B 84 26.62 -7.79 19.66
C GLY B 84 26.95 -8.82 18.59
N VAL B 85 26.12 -9.86 18.48
CA VAL B 85 26.40 -10.99 17.59
C VAL B 85 26.42 -10.57 16.14
N GLY B 86 25.48 -9.70 15.76
CA GLY B 86 25.28 -9.38 14.34
C GLY B 86 26.01 -8.15 13.86
N GLU B 87 26.35 -7.26 14.79
CA GLU B 87 26.99 -5.98 14.48
C GLU B 87 28.01 -6.04 13.32
N SER B 88 28.94 -6.98 13.39
CA SER B 88 30.03 -7.03 12.40
C SER B 88 29.60 -7.12 10.92
N PHE B 89 28.46 -7.76 10.63
CA PHE B 89 28.05 -7.96 9.24
C PHE B 89 26.74 -7.29 8.90
N THR B 90 26.26 -6.40 9.78
CA THR B 90 24.98 -5.69 9.59
C THR B 90 25.20 -4.20 9.72
N VAL B 91 25.50 -3.79 10.94
CA VAL B 91 25.74 -2.39 11.30
C VAL B 91 26.94 -1.90 10.53
N GLN B 92 27.98 -2.74 10.44
CA GLN B 92 29.26 -2.41 9.77
C GLN B 92 29.28 -2.67 8.26
N ARG B 93 28.24 -3.28 7.71
CA ARG B 93 28.23 -3.72 6.31
C ARG B 93 28.19 -2.55 5.31
N ARG B 94 29.10 -2.57 4.32
CA ARG B 94 29.14 -1.53 3.30
C ARG B 94 29.49 -2.13 1.95
N VAL B 95 28.60 -1.98 0.97
CA VAL B 95 28.83 -2.38 -0.40
C VAL B 95 28.68 -1.16 -1.30
N TYR B 96 29.58 -1.04 -2.27
CA TYR B 96 29.68 0.13 -3.15
C TYR B 96 28.58 0.13 -4.17
N PRO B 97 28.11 1.34 -4.55
CA PRO B 97 27.16 1.44 -5.62
C PRO B 97 27.85 1.30 -6.95
N GLU B 98 27.06 0.92 -7.96
CA GLU B 98 27.50 0.90 -9.34
C GLU B 98 26.65 1.93 -10.04
N VAL B 99 27.26 2.78 -10.86
CA VAL B 99 26.56 3.87 -11.52
C VAL B 99 26.61 3.74 -13.04
N THR B 100 25.43 3.80 -13.65
CA THR B 100 25.27 3.69 -15.08
C THR B 100 24.34 4.79 -15.53
N VAL B 101 24.72 5.50 -16.60
CA VAL B 101 23.89 6.57 -17.13
C VAL B 101 23.47 6.28 -18.57
N TYR B 102 22.22 6.59 -18.90
CA TYR B 102 21.69 6.39 -20.25
C TYR B 102 20.41 7.18 -20.48
N PRO B 103 20.14 7.62 -21.73
CA PRO B 103 18.83 8.11 -22.08
C PRO B 103 17.80 6.98 -22.17
N ALA B 104 16.58 7.30 -21.76
CA ALA B 104 15.48 6.32 -21.68
C ALA B 104 14.79 6.14 -23.00
N LYS B 105 14.73 7.21 -23.78
CA LYS B 105 14.03 7.25 -25.06
C LYS B 105 15.16 7.63 -26.02
N THR B 106 15.38 6.81 -27.04
CA THR B 106 16.42 7.06 -28.01
C THR B 106 15.95 8.17 -28.98
N GLN B 107 16.03 9.44 -28.56
CA GLN B 107 15.54 10.59 -29.35
C GLN B 107 16.67 11.47 -29.94
N PRO B 108 16.36 12.20 -31.04
CA PRO B 108 17.23 13.28 -31.47
C PRO B 108 17.35 14.42 -30.46
N LEU B 109 18.12 15.42 -30.83
CA LEU B 109 18.43 16.54 -29.97
C LEU B 109 17.35 17.61 -30.14
N GLN B 110 17.45 18.71 -29.38
CA GLN B 110 16.39 19.75 -29.22
C GLN B 110 14.95 19.17 -29.05
N HIS B 111 14.89 17.95 -28.52
CA HIS B 111 13.65 17.18 -28.29
C HIS B 111 13.78 16.65 -26.85
N HIS B 112 12.65 16.66 -26.14
CA HIS B 112 12.58 16.25 -24.71
C HIS B 112 13.10 14.83 -24.49
N ASN B 113 13.93 14.63 -23.46
CA ASN B 113 14.33 13.28 -23.07
C ASN B 113 14.56 13.16 -21.57
N LEU B 114 14.56 11.92 -21.10
CA LEU B 114 14.92 11.59 -19.74
C LEU B 114 16.27 10.94 -19.77
N LEU B 115 17.26 11.56 -19.13
CA LEU B 115 18.51 10.91 -18.83
C LEU B 115 18.37 10.19 -17.52
N VAL B 116 18.69 8.91 -17.54
CA VAL B 116 18.53 8.07 -16.41
C VAL B 116 19.87 7.91 -15.75
N CYS B 117 19.92 8.11 -14.43
CA CYS B 117 21.01 7.64 -13.60
C CYS B 117 20.51 6.46 -12.75
N SER B 118 21.13 5.30 -12.97
CA SER B 118 20.81 4.09 -12.24
C SER B 118 21.94 3.80 -11.31
N VAL B 119 21.64 3.85 -10.02
CA VAL B 119 22.58 3.48 -8.97
C VAL B 119 22.13 2.12 -8.39
N ASN B 120 23.05 1.17 -8.31
CA ASN B 120 22.72 -0.21 -8.01
C ASN B 120 23.67 -0.87 -7.07
N GLY B 121 23.14 -1.81 -6.29
CA GLY B 121 23.95 -2.75 -5.51
C GLY B 121 24.52 -2.26 -4.19
N PHE B 122 24.08 -1.12 -3.69
CA PHE B 122 24.73 -0.50 -2.55
C PHE B 122 24.06 -0.87 -1.23
N TYR B 123 24.83 -0.77 -0.16
CA TYR B 123 24.33 -0.95 1.18
C TYR B 123 25.19 -0.05 2.11
N PRO B 124 24.62 0.68 3.06
CA PRO B 124 23.21 0.72 3.42
C PRO B 124 22.35 1.63 2.53
N GLY B 125 21.10 1.81 2.93
CA GLY B 125 20.13 2.55 2.14
C GLY B 125 20.44 4.02 1.86
N SER B 126 21.11 4.70 2.78
CA SER B 126 21.27 6.14 2.65
C SER B 126 22.21 6.44 1.52
N ILE B 127 21.80 7.37 0.67
CA ILE B 127 22.53 7.73 -0.53
C ILE B 127 22.07 9.09 -1.01
N GLU B 128 22.93 9.77 -1.72
CA GLU B 128 22.41 10.91 -2.45
C GLU B 128 23.02 11.04 -3.82
N VAL B 129 22.15 11.46 -4.73
CA VAL B 129 22.36 11.37 -6.14
C VAL B 129 22.04 12.72 -6.74
N ARG B 130 23.03 13.34 -7.39
CA ARG B 130 22.91 14.71 -7.90
C ARG B 130 23.18 14.78 -9.38
N TRP B 131 22.35 15.55 -10.09
CA TRP B 131 22.52 15.78 -11.51
C TRP B 131 23.06 17.18 -11.74
N PHE B 132 24.04 17.26 -12.63
CA PHE B 132 24.61 18.52 -13.09
C PHE B 132 24.47 18.65 -14.61
N ARG B 133 24.11 19.85 -15.08
CA ARG B 133 24.16 20.21 -16.50
C ARG B 133 25.28 21.20 -16.62
N ASN B 134 26.38 20.76 -17.22
CA ASN B 134 27.64 21.50 -17.47
C ASN B 134 28.57 21.61 -16.22
N GLY B 135 28.00 22.21 -15.19
CA GLY B 135 28.58 22.35 -13.81
C GLY B 135 27.53 22.83 -12.81
N GLN B 136 26.36 23.17 -13.33
CA GLN B 136 25.21 23.64 -12.59
C GLN B 136 24.32 22.47 -12.15
N GLU B 137 24.09 22.33 -10.85
CA GLU B 137 23.17 21.32 -10.34
C GLU B 137 21.74 21.67 -10.79
N GLU B 138 20.94 20.65 -11.05
CA GLU B 138 19.54 20.84 -11.40
C GLU B 138 18.74 20.02 -10.45
N LYS B 139 17.99 20.69 -9.60
CA LYS B 139 17.01 20.02 -8.75
C LYS B 139 15.62 20.06 -9.39
N THR B 140 15.41 21.01 -10.32
CA THR B 140 14.21 21.02 -11.17
C THR B 140 14.27 19.90 -12.22
N GLY B 141 13.13 19.27 -12.43
CA GLY B 141 12.99 18.19 -13.39
C GLY B 141 13.63 16.87 -12.98
N VAL B 142 13.89 16.69 -11.69
CA VAL B 142 14.43 15.43 -11.20
C VAL B 142 13.30 14.48 -10.78
N VAL B 143 13.17 13.35 -11.47
CA VAL B 143 12.10 12.39 -11.26
C VAL B 143 12.75 11.15 -10.70
N SER B 144 12.47 10.83 -9.46
CA SER B 144 13.12 9.69 -8.85
C SER B 144 12.16 8.62 -8.36
N THR B 145 12.67 7.40 -8.33
CA THR B 145 11.96 6.20 -7.85
C THR B 145 12.07 6.14 -6.32
N GLY B 146 13.10 6.74 -5.76
CA GLY B 146 13.36 6.65 -4.33
C GLY B 146 14.17 5.41 -4.05
N LEU B 147 14.33 5.13 -2.76
CA LEU B 147 15.16 4.05 -2.31
C LEU B 147 14.39 2.77 -2.45
N ILE B 148 14.98 1.82 -3.15
CA ILE B 148 14.33 0.55 -3.45
C ILE B 148 15.21 -0.54 -2.85
N GLN B 149 14.55 -1.41 -2.13
CA GLN B 149 15.20 -2.45 -1.39
C GLN B 149 15.06 -3.64 -2.28
N ASN B 150 16.19 -4.27 -2.63
CA ASN B 150 16.19 -5.49 -3.47
C ASN B 150 15.92 -6.82 -2.74
N GLY B 151 15.90 -6.78 -1.41
CA GLY B 151 15.63 -7.94 -0.57
C GLY B 151 16.80 -8.87 -0.36
N ASP B 152 17.99 -8.46 -0.81
CA ASP B 152 19.17 -9.32 -0.74
C ASP B 152 20.39 -8.58 -0.13
N TRP B 153 20.11 -7.63 0.76
CA TRP B 153 21.10 -6.76 1.40
C TRP B 153 21.78 -5.80 0.45
N THR B 154 21.02 -5.36 -0.55
CA THR B 154 21.42 -4.30 -1.45
C THR B 154 20.20 -3.49 -1.80
N PHE B 155 20.47 -2.25 -2.20
CA PHE B 155 19.45 -1.33 -2.65
C PHE B 155 19.83 -0.86 -4.05
N GLN B 156 18.83 -0.30 -4.73
CA GLN B 156 19.04 0.53 -5.90
C GLN B 156 18.22 1.82 -5.81
N THR B 157 18.59 2.82 -6.61
CA THR B 157 17.71 3.92 -6.90
C THR B 157 17.92 4.40 -8.34
N LEU B 158 16.84 4.79 -9.00
CA LEU B 158 16.89 5.36 -10.36
C LEU B 158 16.42 6.82 -10.32
N VAL B 159 17.33 7.72 -10.73
CA VAL B 159 17.11 9.16 -10.68
C VAL B 159 17.21 9.69 -12.07
N MET B 160 16.09 10.12 -12.62
CA MET B 160 16.04 10.58 -13.98
C MET B 160 16.01 12.09 -14.02
N LEU B 161 16.51 12.68 -15.11
CA LEU B 161 16.47 14.12 -15.29
C LEU B 161 15.78 14.50 -16.57
N GLU B 162 14.86 15.45 -16.49
CA GLU B 162 14.23 15.98 -17.70
C GLU B 162 15.14 16.99 -18.44
N THR B 163 15.59 16.64 -19.63
CA THR B 163 16.43 17.48 -20.44
C THR B 163 15.75 17.87 -21.73
N VAL B 164 16.34 18.85 -22.41
CA VAL B 164 16.27 18.93 -23.86
C VAL B 164 17.70 19.11 -24.34
N PRO B 165 18.41 17.99 -24.63
CA PRO B 165 19.84 18.15 -25.01
C PRO B 165 20.04 18.95 -26.32
N ARG B 166 20.94 19.93 -26.28
CA ARG B 166 21.60 20.48 -27.49
C ARG B 166 23.08 20.02 -27.43
N SER B 167 23.75 19.80 -28.58
CA SER B 167 25.02 19.01 -28.58
C SER B 167 26.28 19.62 -27.96
N GLY B 168 26.24 20.90 -27.58
CA GLY B 168 27.36 21.53 -26.89
C GLY B 168 27.36 21.29 -25.39
N GLU B 169 26.57 20.32 -24.92
CA GLU B 169 26.30 20.09 -23.50
C GLU B 169 26.86 18.81 -22.89
N VAL B 170 27.34 18.92 -21.66
CA VAL B 170 27.75 17.76 -20.86
C VAL B 170 26.87 17.66 -19.60
N TYR B 171 26.47 16.45 -19.25
CA TYR B 171 25.62 16.20 -18.10
C TYR B 171 26.32 15.22 -17.19
N THR B 172 26.23 15.40 -15.88
CA THR B 172 26.95 14.53 -14.96
C THR B 172 26.08 14.09 -13.79
N CYS B 173 26.14 12.80 -13.45
CA CYS B 173 25.45 12.24 -12.27
C CYS B 173 26.49 11.98 -11.19
N GLN B 174 26.30 12.55 -10.00
CA GLN B 174 27.25 12.47 -8.89
C GLN B 174 26.65 11.69 -7.72
N VAL B 175 27.34 10.69 -7.19
CA VAL B 175 26.79 9.84 -6.14
C VAL B 175 27.65 9.93 -4.90
N GLU B 176 27.00 10.13 -3.76
CA GLU B 176 27.69 10.02 -2.48
C GLU B 176 27.05 8.89 -1.67
N HIS B 177 27.89 8.25 -0.85
CA HIS B 177 27.49 7.06 -0.14
C HIS B 177 28.53 6.72 0.91
N PRO B 178 28.10 6.19 2.07
CA PRO B 178 29.07 6.00 3.15
C PRO B 178 30.25 5.07 2.82
N SER B 179 30.02 4.08 1.97
CA SER B 179 31.09 3.19 1.48
C SER B 179 32.21 3.91 0.73
N LEU B 180 31.89 5.05 0.11
CA LEU B 180 32.84 5.91 -0.64
C LEU B 180 33.43 7.05 0.17
N THR B 181 34.71 7.31 -0.06
CA THR B 181 35.37 8.49 0.48
C THR B 181 35.33 9.68 -0.49
N SER B 182 35.06 9.45 -1.78
CA SER B 182 34.80 10.54 -2.75
C SER B 182 33.63 10.16 -3.67
N PRO B 183 32.94 11.18 -4.26
CA PRO B 183 31.80 10.84 -5.11
C PRO B 183 32.20 10.05 -6.33
N LEU B 184 31.34 9.13 -6.73
CA LEU B 184 31.43 8.52 -8.03
C LEU B 184 30.70 9.46 -8.96
N THR B 185 31.38 9.85 -10.03
CA THR B 185 30.78 10.71 -11.05
C THR B 185 30.71 9.94 -12.38
N VAL B 186 29.60 10.12 -13.11
CA VAL B 186 29.42 9.53 -14.43
C VAL B 186 28.90 10.60 -15.42
N GLU B 187 29.58 10.74 -16.57
CA GLU B 187 29.25 11.73 -17.63
C GLU B 187 28.39 11.19 -18.78
N TRP B 188 27.66 12.09 -19.43
CA TRP B 188 26.96 11.80 -20.68
C TRP B 188 27.00 13.05 -21.55
N ARG B 189 27.61 12.94 -22.74
CA ARG B 189 27.74 14.04 -23.66
C ARG B 189 26.67 13.96 -24.74
N ALA B 190 26.06 15.10 -25.07
CA ALA B 190 24.96 15.14 -26.05
C ALA B 190 25.43 15.00 -27.52
N SER B 191 25.17 13.83 -28.11
CA SER B 191 25.39 13.58 -29.55
C SER B 191 24.61 12.36 -30.03
N SER B 192 24.66 12.12 -31.34
CA SER B 192 23.84 11.08 -31.97
C SER B 192 23.92 9.68 -31.34
N ALA B 193 25.13 9.27 -30.94
CA ALA B 193 25.36 7.98 -30.26
C ALA B 193 24.87 8.03 -28.81
N LYS C 2 -22.07 -11.25 1.14
CA LYS C 2 -21.60 -10.04 0.40
C LYS C 2 -22.63 -8.94 0.49
N GLU C 3 -22.32 -7.81 1.14
CA GLU C 3 -23.22 -6.65 1.10
C GLU C 3 -23.27 -5.96 -0.23
N GLU C 4 -24.45 -5.49 -0.58
CA GLU C 4 -24.63 -4.77 -1.82
C GLU C 4 -23.97 -3.37 -1.78
N HIS C 5 -24.18 -2.58 -0.75
CA HIS C 5 -23.76 -1.17 -0.79
C HIS C 5 -23.39 -0.64 0.59
N VAL C 6 -22.56 0.40 0.63
CA VAL C 6 -22.16 0.98 1.90
C VAL C 6 -22.18 2.46 1.77
N ILE C 7 -22.79 3.12 2.74
CA ILE C 7 -22.74 4.58 2.81
C ILE C 7 -21.98 4.94 4.08
N ILE C 8 -20.89 5.66 3.94
CA ILE C 8 -20.07 6.08 5.07
C ILE C 8 -20.01 7.57 5.15
N GLN C 9 -20.46 8.11 6.28
CA GLN C 9 -20.22 9.48 6.64
C GLN C 9 -18.90 9.50 7.38
N ALA C 10 -17.88 10.10 6.81
CA ALA C 10 -16.52 10.10 7.41
C ALA C 10 -16.11 11.54 7.82
N GLU C 11 -15.65 11.69 9.05
CA GLU C 11 -15.22 12.98 9.57
C GLU C 11 -13.80 12.81 10.09
N PHE C 12 -13.04 13.91 10.10
CA PHE C 12 -11.83 13.97 10.93
C PHE C 12 -11.48 15.34 11.40
N TYR C 13 -10.61 15.37 12.40
CA TYR C 13 -9.96 16.57 12.84
C TYR C 13 -8.53 16.25 13.20
N LEU C 14 -7.65 17.17 12.87
CA LEU C 14 -6.22 17.01 13.01
C LEU C 14 -5.57 18.21 13.73
N ASN C 15 -4.85 17.90 14.80
CA ASN C 15 -4.02 18.88 15.48
C ASN C 15 -2.54 18.58 15.24
N PRO C 16 -1.70 19.60 15.31
CA PRO C 16 -2.04 20.96 15.67
C PRO C 16 -2.47 21.84 14.49
N ASP C 17 -2.71 21.22 13.34
CA ASP C 17 -3.09 21.96 12.13
C ASP C 17 -4.45 22.65 12.20
N GLN C 18 -5.28 22.25 13.15
CA GLN C 18 -6.61 22.78 13.33
C GLN C 18 -7.43 22.58 12.05
N SER C 19 -7.41 21.38 11.47
CA SER C 19 -8.12 21.20 10.19
C SER C 19 -8.93 19.91 10.11
N GLY C 20 -10.04 19.94 9.39
CA GLY C 20 -11.09 18.91 9.49
C GLY C 20 -11.96 18.73 8.26
N GLU C 21 -12.58 17.54 8.16
CA GLU C 21 -13.28 17.11 6.94
C GLU C 21 -14.60 16.41 7.27
N PHE C 22 -15.59 16.60 6.41
CA PHE C 22 -16.87 15.94 6.55
C PHE C 22 -17.22 15.53 5.16
N MET C 23 -17.47 14.23 4.97
CA MET C 23 -17.87 13.74 3.68
C MET C 23 -18.74 12.50 3.73
N PHE C 24 -19.54 12.31 2.68
CA PHE C 24 -20.35 11.13 2.49
C PHE C 24 -19.70 10.35 1.35
N ASP C 25 -19.85 9.05 1.37
CA ASP C 25 -19.11 8.17 0.48
C ASP C 25 -20.09 7.02 0.17
N PHE C 26 -20.25 6.70 -1.10
CA PHE C 26 -21.08 5.57 -1.56
C PHE C 26 -20.17 4.62 -2.35
N ASP C 27 -19.95 3.45 -1.78
CA ASP C 27 -19.11 2.45 -2.38
C ASP C 27 -17.77 3.00 -2.77
N GLY C 28 -17.17 3.84 -1.92
CA GLY C 28 -15.85 4.36 -2.13
C GLY C 28 -15.74 5.54 -3.06
N ASP C 29 -16.87 6.12 -3.49
CA ASP C 29 -16.87 7.37 -4.27
C ASP C 29 -17.62 8.41 -3.46
N GLU C 30 -17.28 9.67 -3.64
CA GLU C 30 -17.81 10.76 -2.81
C GLU C 30 -19.11 11.32 -3.37
N ILE C 31 -20.12 11.47 -2.51
CA ILE C 31 -21.35 12.14 -2.86
C ILE C 31 -21.12 13.62 -2.69
N PHE C 32 -20.74 14.01 -1.49
CA PHE C 32 -20.41 15.41 -1.21
C PHE C 32 -19.48 15.54 0.00
N HIS C 33 -18.98 16.75 0.19
CA HIS C 33 -18.26 17.13 1.39
C HIS C 33 -18.67 18.54 1.84
N VAL C 34 -18.22 18.92 3.01
CA VAL C 34 -18.43 20.24 3.49
C VAL C 34 -17.11 20.99 3.51
N ASP C 35 -17.05 22.04 2.69
CA ASP C 35 -15.92 22.94 2.63
C ASP C 35 -15.84 23.65 3.98
N MET C 36 -14.86 23.26 4.80
CA MET C 36 -14.56 23.89 6.10
C MET C 36 -14.08 25.37 5.97
N ALA C 37 -13.89 25.87 4.74
CA ALA C 37 -13.76 27.30 4.47
C ALA C 37 -15.02 28.20 4.46
N LYS C 38 -15.79 28.25 3.36
CA LYS C 38 -17.08 28.99 3.30
C LYS C 38 -18.27 28.11 3.70
N LYS C 39 -17.98 26.90 4.20
CA LYS C 39 -18.89 26.19 5.07
C LYS C 39 -20.20 25.78 4.38
N GLU C 40 -20.08 25.33 3.14
CA GLU C 40 -21.22 24.82 2.40
C GLU C 40 -20.98 23.44 1.80
N THR C 41 -22.08 22.82 1.45
CA THR C 41 -22.10 21.56 0.73
C THR C 41 -21.55 21.69 -0.70
N VAL C 42 -20.74 20.70 -1.07
CA VAL C 42 -20.07 20.62 -2.35
C VAL C 42 -20.32 19.24 -2.93
N TRP C 43 -21.18 19.18 -3.94
CA TRP C 43 -21.53 17.90 -4.54
C TRP C 43 -20.39 17.51 -5.46
N ARG C 44 -20.00 16.24 -5.40
CA ARG C 44 -18.91 15.72 -6.25
C ARG C 44 -19.27 15.84 -7.72
N LEU C 45 -20.53 15.59 -8.03
CA LEU C 45 -21.06 15.85 -9.33
C LEU C 45 -22.16 16.87 -9.15
N GLU C 46 -22.24 17.80 -10.07
CA GLU C 46 -23.24 18.82 -10.00
C GLU C 46 -24.66 18.20 -10.02
N GLU C 47 -24.86 17.07 -10.68
CA GLU C 47 -26.20 16.48 -10.82
C GLU C 47 -26.81 16.02 -9.48
N PHE C 48 -25.95 15.58 -8.56
CA PHE C 48 -26.41 15.11 -7.26
C PHE C 48 -27.18 16.20 -6.54
N GLY C 49 -26.71 17.45 -6.65
CA GLY C 49 -27.33 18.59 -6.00
C GLY C 49 -28.76 18.87 -6.41
N ARG C 50 -29.13 18.50 -7.61
CA ARG C 50 -30.49 18.67 -8.13
C ARG C 50 -31.44 17.73 -7.39
N PHE C 51 -30.93 16.59 -6.97
CA PHE C 51 -31.73 15.52 -6.40
C PHE C 51 -31.81 15.59 -4.88
N ALA C 52 -30.77 16.11 -4.25
CA ALA C 52 -30.68 16.10 -2.78
C ALA C 52 -30.22 17.43 -2.20
N SER C 53 -30.29 17.50 -0.87
CA SER C 53 -29.71 18.60 -0.12
C SER C 53 -29.10 18.18 1.23
N PHE C 54 -28.28 19.08 1.77
CA PHE C 54 -27.57 18.85 3.04
C PHE C 54 -27.31 20.14 3.78
N GLU C 55 -27.81 20.19 5.01
CA GLU C 55 -27.58 21.31 5.91
C GLU C 55 -26.14 21.26 6.42
N ALA C 56 -25.32 22.09 5.78
CA ALA C 56 -23.89 22.12 6.06
C ALA C 56 -23.56 22.50 7.49
N GLN C 57 -24.35 23.38 8.12
CA GLN C 57 -24.09 23.76 9.51
C GLN C 57 -23.97 22.58 10.46
N GLY C 58 -24.75 21.53 10.18
CA GLY C 58 -24.71 20.28 10.94
C GLY C 58 -23.38 19.54 10.87
N ALA C 59 -22.70 19.62 9.72
CA ALA C 59 -21.36 19.07 9.57
C ALA C 59 -20.35 19.79 10.48
N LEU C 60 -20.43 21.12 10.56
CA LEU C 60 -19.47 21.92 11.31
C LEU C 60 -19.59 21.70 12.79
N ALA C 61 -20.79 21.35 13.25
CA ALA C 61 -21.03 21.02 14.64
C ALA C 61 -20.33 19.71 14.95
N ASN C 62 -20.62 18.70 14.13
CA ASN C 62 -19.95 17.42 14.23
C ASN C 62 -18.43 17.60 14.40
N ILE C 63 -17.82 18.48 13.58
CA ILE C 63 -16.37 18.70 13.59
C ILE C 63 -15.90 19.30 14.88
N ALA C 64 -16.68 20.26 15.39
CA ALA C 64 -16.40 20.83 16.70
C ALA C 64 -16.44 19.75 17.80
N VAL C 65 -17.40 18.84 17.76
CA VAL C 65 -17.36 17.68 18.69
C VAL C 65 -16.09 16.83 18.48
N ASP C 66 -15.72 16.61 17.24
CA ASP C 66 -14.51 15.84 16.92
C ASP C 66 -13.19 16.48 17.37
N LYS C 67 -13.12 17.79 17.29
CA LYS C 67 -12.00 18.56 17.84
C LYS C 67 -11.94 18.41 19.34
N ALA C 68 -13.05 18.61 19.99
CA ALA C 68 -13.07 18.53 21.44
C ALA C 68 -12.76 17.11 21.92
N ASN C 69 -13.29 16.10 21.23
CA ASN C 69 -12.94 14.69 21.53
C ASN C 69 -11.48 14.39 21.30
N LEU C 70 -10.91 14.96 20.25
CA LEU C 70 -9.52 14.71 19.96
C LEU C 70 -8.63 15.15 21.10
N GLU C 71 -8.93 16.32 21.67
CA GLU C 71 -8.15 16.86 22.79
C GLU C 71 -8.16 15.88 23.98
N ILE C 72 -9.35 15.31 24.24
CA ILE C 72 -9.51 14.29 25.28
C ILE C 72 -8.67 13.06 24.96
N MET C 73 -8.76 12.59 23.72
CA MET C 73 -8.11 11.34 23.35
C MET C 73 -6.60 11.49 23.38
N THR C 74 -6.12 12.65 22.94
CA THR C 74 -4.68 12.93 22.97
C THR C 74 -4.08 12.71 24.37
N LYS C 75 -4.70 13.34 25.35
CA LYS C 75 -4.36 13.20 26.78
C LYS C 75 -4.46 11.74 27.26
N ARG C 76 -5.57 11.09 26.92
CA ARG C 76 -5.83 9.74 27.40
C ARG C 76 -4.81 8.72 26.84
N SER C 77 -4.25 9.00 25.66
CA SER C 77 -3.20 8.15 25.06
C SER C 77 -1.79 8.50 25.49
N ASN C 78 -1.63 9.47 26.41
CA ASN C 78 -0.34 9.99 26.84
C ASN C 78 0.40 10.62 25.68
N TYR C 79 -0.36 11.39 24.91
CA TYR C 79 0.20 12.21 23.84
C TYR C 79 0.91 11.33 22.83
N THR C 80 0.33 10.16 22.57
CA THR C 80 0.84 9.25 21.57
C THR C 80 0.40 9.84 20.25
N PRO C 81 1.38 10.17 19.35
CA PRO C 81 1.05 10.75 18.04
C PRO C 81 0.82 9.73 16.96
N ILE C 82 0.45 10.19 15.77
CA ILE C 82 0.30 9.32 14.62
C ILE C 82 1.66 9.06 13.95
N THR C 83 1.84 7.84 13.48
CA THR C 83 3.01 7.45 12.69
C THR C 83 2.72 7.77 11.24
N ASN C 84 3.63 8.48 10.60
CA ASN C 84 3.46 8.84 9.20
C ASN C 84 3.46 7.59 8.34
N VAL C 85 2.49 7.49 7.44
CA VAL C 85 2.53 6.48 6.42
C VAL C 85 2.66 7.29 5.13
N PRO C 86 3.81 7.21 4.44
CA PRO C 86 3.92 7.93 3.17
C PRO C 86 3.06 7.34 2.03
N PRO C 87 2.58 8.18 1.12
CA PRO C 87 1.73 7.81 0.00
C PRO C 87 2.38 7.10 -1.17
N GLU C 88 1.56 6.32 -1.87
CA GLU C 88 1.86 5.79 -3.20
C GLU C 88 1.28 6.76 -4.19
N VAL C 89 1.97 7.03 -5.29
CA VAL C 89 1.46 7.97 -6.25
C VAL C 89 1.52 7.27 -7.58
N THR C 90 0.45 7.40 -8.35
CA THR C 90 0.42 6.91 -9.73
C THR C 90 -0.19 8.04 -10.53
N VAL C 91 0.26 8.21 -11.77
CA VAL C 91 -0.37 9.15 -12.71
C VAL C 91 -0.96 8.35 -13.85
N LEU C 92 -2.17 8.73 -14.28
CA LEU C 92 -2.82 8.07 -15.39
C LEU C 92 -3.83 8.98 -16.12
N THR C 93 -4.19 8.58 -17.32
CA THR C 93 -5.02 9.42 -18.14
C THR C 93 -6.44 8.96 -17.95
N ASN C 94 -7.38 9.86 -18.20
CA ASN C 94 -8.77 9.54 -18.05
C ASN C 94 -9.22 8.53 -19.10
N SER C 95 -8.89 8.84 -20.35
CA SER C 95 -9.10 7.94 -21.46
C SER C 95 -7.77 7.79 -22.24
N PRO C 96 -7.72 6.87 -23.22
CA PRO C 96 -6.47 6.67 -23.96
C PRO C 96 -6.10 7.90 -24.69
N VAL C 97 -4.83 8.03 -25.00
CA VAL C 97 -4.26 9.30 -25.40
C VAL C 97 -4.21 9.38 -26.91
N GLU C 98 -4.86 10.40 -27.44
CA GLU C 98 -4.76 10.76 -28.84
C GLU C 98 -4.35 12.20 -28.90
N LEU C 99 -3.52 12.52 -29.90
CA LEU C 99 -3.03 13.88 -30.02
C LEU C 99 -4.16 14.87 -30.26
N ARG C 100 -4.04 16.04 -29.65
CA ARG C 100 -4.98 17.15 -29.81
C ARG C 100 -6.44 16.85 -29.30
N GLU C 101 -6.65 15.70 -28.65
CA GLU C 101 -7.99 15.30 -28.19
C GLU C 101 -8.09 15.52 -26.66
N PRO C 102 -9.07 16.36 -26.19
CA PRO C 102 -9.21 16.70 -24.77
C PRO C 102 -9.12 15.49 -23.87
N ASN C 103 -8.31 15.61 -22.82
CA ASN C 103 -8.11 14.53 -21.88
C ASN C 103 -7.85 15.11 -20.50
N VAL C 104 -7.66 14.23 -19.52
CA VAL C 104 -7.39 14.63 -18.14
C VAL C 104 -6.30 13.74 -17.58
N LEU C 105 -5.29 14.37 -16.96
CA LEU C 105 -4.31 13.64 -16.18
C LEU C 105 -4.83 13.53 -14.76
N ILE C 106 -4.72 12.33 -14.22
CA ILE C 106 -5.15 12.02 -12.88
C ILE C 106 -3.93 11.64 -12.03
N CYS C 107 -3.73 12.38 -10.93
CA CYS C 107 -2.78 11.98 -9.86
C CYS C 107 -3.47 11.24 -8.69
N PHE C 108 -3.29 9.92 -8.66
CA PHE C 108 -3.89 9.08 -7.63
C PHE C 108 -2.89 8.93 -6.54
N ILE C 109 -3.21 9.51 -5.37
CA ILE C 109 -2.37 9.49 -4.19
C ILE C 109 -3.04 8.60 -3.11
N ASP C 110 -2.40 7.47 -2.79
CA ASP C 110 -3.02 6.37 -2.07
C ASP C 110 -2.27 6.04 -0.81
N LYS C 111 -2.98 5.37 0.12
CA LYS C 111 -2.46 4.71 1.34
C LYS C 111 -1.55 5.55 2.23
N PHE C 112 -2.02 6.73 2.63
CA PHE C 112 -1.23 7.60 3.48
C PHE C 112 -2.02 8.11 4.68
N THR C 113 -1.27 8.60 5.67
CA THR C 113 -1.79 9.35 6.81
C THR C 113 -0.62 10.06 7.51
N PRO C 114 -0.84 11.18 8.22
CA PRO C 114 -2.08 11.94 8.29
C PRO C 114 -2.55 12.55 6.96
N PRO C 115 -3.81 13.01 6.90
CA PRO C 115 -4.37 13.70 5.73
C PRO C 115 -3.88 15.14 5.55
N VAL C 116 -2.61 15.27 5.20
CA VAL C 116 -2.01 16.53 4.80
C VAL C 116 -1.07 16.19 3.66
N VAL C 117 -1.32 16.79 2.51
CA VAL C 117 -0.42 16.70 1.39
C VAL C 117 -0.35 17.98 0.58
N ASN C 118 0.86 18.28 0.10
CA ASN C 118 1.11 19.35 -0.84
C ASN C 118 1.29 18.68 -2.20
N VAL C 119 0.42 19.01 -3.15
CA VAL C 119 0.44 18.44 -4.50
C VAL C 119 0.54 19.55 -5.53
N THR C 120 1.31 19.33 -6.58
CA THR C 120 1.53 20.33 -7.66
C THR C 120 1.75 19.64 -9.01
N TRP C 121 0.98 20.03 -10.01
CA TRP C 121 1.23 19.62 -11.40
C TRP C 121 2.38 20.43 -11.98
N LEU C 122 3.34 19.76 -12.62
CA LEU C 122 4.46 20.43 -13.33
C LEU C 122 4.36 20.13 -14.82
N ARG C 123 4.38 21.16 -15.66
CA ARG C 123 4.40 20.98 -17.11
C ARG C 123 5.74 21.47 -17.53
N ASN C 124 6.56 20.59 -18.09
CA ASN C 124 7.94 20.90 -18.48
C ASN C 124 8.75 21.54 -17.34
N GLY C 125 8.68 20.93 -16.15
CA GLY C 125 9.40 21.43 -14.98
C GLY C 125 9.05 22.82 -14.52
N LYS C 126 7.81 23.27 -14.79
CA LYS C 126 7.28 24.55 -14.29
C LYS C 126 5.89 24.32 -13.66
N PRO C 127 5.70 24.79 -12.42
CA PRO C 127 4.42 24.60 -11.75
C PRO C 127 3.23 25.15 -12.54
N VAL C 128 2.08 24.51 -12.32
CA VAL C 128 0.85 24.81 -13.04
C VAL C 128 -0.05 25.33 -11.98
N THR C 129 -0.31 26.63 -12.00
CA THR C 129 -1.33 27.29 -11.19
C THR C 129 -2.21 26.35 -10.39
N THR C 130 -2.08 26.42 -9.07
CA THR C 130 -2.67 25.43 -8.12
C THR C 130 -4.23 25.31 -8.06
N GLY C 131 -4.96 26.23 -8.71
CA GLY C 131 -6.44 26.18 -8.89
C GLY C 131 -6.98 25.22 -9.95
N VAL C 132 -6.58 23.97 -9.78
CA VAL C 132 -6.98 22.80 -10.57
C VAL C 132 -7.85 21.99 -9.64
N SER C 133 -8.56 21.00 -10.19
CA SER C 133 -9.47 20.18 -9.34
C SER C 133 -8.75 19.14 -8.55
N GLU C 134 -9.31 18.94 -7.38
CA GLU C 134 -8.85 17.93 -6.48
C GLU C 134 -10.04 17.51 -5.69
N THR C 135 -9.99 16.29 -5.21
CA THR C 135 -10.93 15.86 -4.22
C THR C 135 -10.38 16.27 -2.86
N VAL C 136 -11.25 16.18 -1.88
CA VAL C 136 -10.84 16.08 -0.49
C VAL C 136 -10.23 14.67 -0.18
N PHE C 137 -9.84 14.44 1.07
CA PHE C 137 -9.16 13.23 1.44
C PHE C 137 -10.29 12.21 1.61
N LEU C 138 -10.18 11.06 0.93
CA LEU C 138 -11.18 10.01 0.96
C LEU C 138 -10.75 8.90 1.89
N PRO C 139 -11.70 8.36 2.66
CA PRO C 139 -11.36 7.31 3.62
C PRO C 139 -11.06 5.97 2.94
N ARG C 140 -10.18 5.19 3.54
CA ARG C 140 -9.96 3.84 3.08
C ARG C 140 -10.47 2.94 4.17
N GLU C 141 -10.78 1.72 3.82
CA GLU C 141 -11.21 0.77 4.83
C GLU C 141 -10.15 0.38 5.88
N ASP C 142 -8.87 0.63 5.59
CA ASP C 142 -7.80 0.47 6.56
C ASP C 142 -7.50 1.72 7.37
N HIS C 143 -8.27 2.78 7.17
CA HIS C 143 -8.20 4.00 7.97
C HIS C 143 -7.04 4.94 7.63
N LEU C 144 -6.37 4.62 6.53
CA LEU C 144 -5.56 5.59 5.80
C LEU C 144 -6.47 6.41 4.85
N PHE C 145 -5.87 7.14 3.91
CA PHE C 145 -6.57 8.05 3.05
C PHE C 145 -6.12 7.93 1.62
N ARG C 146 -7.00 8.38 0.73
CA ARG C 146 -6.61 8.55 -0.65
C ARG C 146 -7.11 9.89 -1.11
N LYS C 147 -6.57 10.34 -2.24
CA LYS C 147 -6.86 11.65 -2.75
C LYS C 147 -6.57 11.65 -4.24
N PHE C 148 -7.33 12.42 -5.01
CA PHE C 148 -7.08 12.58 -6.45
C PHE C 148 -6.90 14.04 -6.83
N HIS C 149 -6.03 14.30 -7.80
CA HIS C 149 -5.93 15.62 -8.42
C HIS C 149 -6.09 15.43 -9.89
N TYR C 150 -6.60 16.47 -10.53
CA TYR C 150 -6.96 16.40 -11.92
C TYR C 150 -6.41 17.62 -12.69
N LEU C 151 -5.80 17.35 -13.85
CA LEU C 151 -5.32 18.38 -14.80
C LEU C 151 -5.84 18.16 -16.23
N PRO C 152 -6.82 18.96 -16.66
CA PRO C 152 -7.16 18.93 -18.09
C PRO C 152 -6.02 19.41 -18.96
N PHE C 153 -5.85 18.71 -20.08
CA PHE C 153 -4.76 18.97 -21.00
C PHE C 153 -5.10 18.47 -22.39
N LEU C 154 -4.44 19.05 -23.39
CA LEU C 154 -4.46 18.54 -24.75
C LEU C 154 -3.13 17.85 -24.99
N PRO C 155 -3.16 16.53 -25.25
CA PRO C 155 -1.91 15.79 -25.41
C PRO C 155 -1.02 16.35 -26.50
N SER C 156 0.27 16.13 -26.34
CA SER C 156 1.28 16.69 -27.21
C SER C 156 2.62 15.94 -27.13
N THR C 157 3.33 15.90 -28.25
CA THR C 157 4.72 15.43 -28.31
C THR C 157 5.67 16.44 -27.67
N GLU C 158 5.25 17.69 -27.60
CA GLU C 158 6.09 18.78 -27.12
C GLU C 158 6.13 18.82 -25.59
N ASP C 159 5.03 18.43 -24.93
CA ASP C 159 4.87 18.56 -23.48
C ASP C 159 5.28 17.32 -22.66
N VAL C 160 5.91 17.59 -21.53
CA VAL C 160 6.13 16.62 -20.47
C VAL C 160 5.43 17.09 -19.15
N TYR C 161 4.91 16.14 -18.37
CA TYR C 161 4.17 16.42 -17.12
C TYR C 161 4.68 15.62 -15.90
N ASP C 162 4.47 16.18 -14.72
CA ASP C 162 4.76 15.49 -13.45
C ASP C 162 3.70 15.80 -12.39
N CYS C 163 3.55 14.87 -11.44
CA CYS C 163 2.76 15.09 -10.24
C CYS C 163 3.75 15.11 -9.09
N ARG C 164 3.87 16.27 -8.44
CA ARG C 164 4.82 16.46 -7.34
C ARG C 164 4.06 16.39 -6.04
N VAL C 165 4.41 15.41 -5.21
CA VAL C 165 3.72 15.15 -3.96
C VAL C 165 4.68 15.31 -2.77
N GLU C 166 4.33 16.19 -1.82
CA GLU C 166 5.05 16.33 -0.54
C GLU C 166 4.21 15.75 0.59
N HIS C 167 4.86 15.14 1.57
CA HIS C 167 4.16 14.54 2.73
C HIS C 167 5.18 14.24 3.79
N TRP C 168 4.83 14.36 5.08
CA TRP C 168 5.86 14.29 6.13
C TRP C 168 6.60 12.96 6.24
N GLY C 169 5.88 11.87 5.98
CA GLY C 169 6.43 10.52 5.76
C GLY C 169 7.39 10.26 4.63
N LEU C 170 7.56 11.22 3.71
CA LEU C 170 8.58 11.18 2.66
C LEU C 170 9.76 12.08 2.98
N ASP C 171 10.96 11.55 2.77
CA ASP C 171 12.20 12.31 2.98
C ASP C 171 12.29 13.51 2.07
N GLU C 172 11.78 13.33 0.86
CA GLU C 172 11.94 14.26 -0.27
C GLU C 172 10.62 14.24 -1.05
N PRO C 173 10.42 15.25 -1.92
CA PRO C 173 9.24 15.24 -2.77
C PRO C 173 9.30 14.08 -3.75
N LEU C 174 8.15 13.51 -4.05
CA LEU C 174 8.02 12.38 -4.94
C LEU C 174 7.42 12.94 -6.24
N LEU C 175 8.13 12.83 -7.37
CA LEU C 175 7.56 13.18 -8.69
C LEU C 175 7.11 11.94 -9.45
N LYS C 176 5.89 11.91 -9.96
CA LYS C 176 5.50 10.85 -10.84
C LYS C 176 5.34 11.42 -12.21
N HIS C 177 5.99 10.79 -13.17
CA HIS C 177 6.16 11.35 -14.48
C HIS C 177 5.17 10.80 -15.48
N TRP C 178 4.78 11.63 -16.45
CA TRP C 178 3.98 11.20 -17.59
C TRP C 178 4.34 11.99 -18.84
N GLU C 179 4.35 11.30 -19.99
CA GLU C 179 4.55 11.91 -21.33
C GLU C 179 3.98 11.00 -22.43
N PHE C 180 3.89 11.48 -23.65
CA PHE C 180 3.14 10.79 -24.69
C PHE C 180 3.62 9.38 -25.07
N ARG D 4 6.56 19.20 15.83
CA ARG D 4 5.74 18.64 14.71
C ARG D 4 4.97 17.32 14.89
N PRO D 5 4.88 16.71 16.12
CA PRO D 5 4.02 15.50 16.13
C PRO D 5 2.56 15.85 15.85
N ARG D 6 1.85 14.94 15.20
CA ARG D 6 0.44 15.15 14.82
C ARG D 6 -0.53 14.20 15.53
N PHE D 7 -1.80 14.61 15.58
CA PHE D 7 -2.83 13.93 16.34
C PHE D 7 -4.15 13.96 15.58
N LEU D 8 -4.78 12.80 15.39
CA LEU D 8 -5.87 12.65 14.43
C LEU D 8 -7.06 11.92 15.02
N GLU D 9 -8.23 12.53 14.92
CA GLU D 9 -9.48 11.87 15.29
C GLU D 9 -10.24 11.56 13.99
N GLN D 10 -10.70 10.33 13.80
CA GLN D 10 -11.66 10.01 12.75
C GLN D 10 -12.91 9.45 13.36
N VAL D 11 -14.03 9.65 12.67
CA VAL D 11 -15.29 9.04 13.00
C VAL D 11 -15.90 8.57 11.69
N LYS D 12 -16.37 7.33 11.70
CA LYS D 12 -17.06 6.80 10.57
C LYS D 12 -18.40 6.28 11.02
N HIS D 13 -19.45 6.85 10.45
CA HIS D 13 -20.80 6.35 10.61
C HIS D 13 -21.13 5.57 9.35
N GLU D 14 -21.28 4.26 9.46
CA GLU D 14 -21.39 3.37 8.28
C GLU D 14 -22.73 2.63 8.23
N CYS D 15 -23.34 2.62 7.05
CA CYS D 15 -24.56 1.86 6.79
C CYS D 15 -24.25 0.80 5.73
N HIS D 16 -24.38 -0.46 6.11
CA HIS D 16 -24.14 -1.56 5.21
C HIS D 16 -25.47 -2.22 4.84
N PHE D 17 -25.73 -2.30 3.54
CA PHE D 17 -27.03 -2.71 2.98
C PHE D 17 -26.90 -4.05 2.26
N PHE D 18 -27.78 -4.98 2.61
CA PHE D 18 -27.84 -6.28 1.95
C PHE D 18 -29.28 -6.45 1.46
N ASN D 19 -29.47 -7.09 0.32
CA ASN D 19 -30.81 -7.30 -0.30
C ASN D 19 -31.66 -6.06 -0.31
N GLY D 20 -31.27 -5.06 -1.10
CA GLY D 20 -31.91 -3.76 -1.10
C GLY D 20 -31.66 -3.07 0.23
N THR D 21 -32.72 -2.89 1.00
CA THR D 21 -32.62 -2.43 2.39
C THR D 21 -33.19 -3.44 3.39
N GLU D 22 -33.43 -4.65 2.97
CA GLU D 22 -34.00 -5.67 3.85
C GLU D 22 -33.14 -5.90 5.09
N ARG D 23 -31.84 -5.83 4.93
CA ARG D 23 -31.00 -6.00 6.09
C ARG D 23 -30.06 -4.86 6.07
N VAL D 24 -30.05 -4.11 7.17
CA VAL D 24 -29.15 -2.96 7.30
C VAL D 24 -28.39 -3.11 8.55
N ARG D 25 -27.10 -2.87 8.44
CA ARG D 25 -26.22 -2.74 9.60
C ARG D 25 -25.59 -1.36 9.73
N PHE D 26 -25.78 -0.76 10.90
CA PHE D 26 -25.30 0.56 11.23
C PHE D 26 -24.12 0.39 12.18
N LEU D 27 -22.98 0.97 11.81
CA LEU D 27 -21.79 1.06 12.68
C LEU D 27 -21.43 2.52 12.95
N ASP D 28 -21.17 2.85 14.20
CA ASP D 28 -20.70 4.16 14.59
C ASP D 28 -19.32 3.93 15.14
N ARG D 29 -18.31 4.37 14.41
CA ARG D 29 -16.91 4.01 14.71
C ARG D 29 -16.02 5.21 14.99
N TYR D 30 -15.25 5.16 16.08
CA TYR D 30 -14.37 6.27 16.50
C TYR D 30 -12.91 5.82 16.47
N PHE D 31 -12.03 6.64 15.90
CA PHE D 31 -10.66 6.25 15.66
C PHE D 31 -9.72 7.32 16.21
N TYR D 32 -8.62 6.87 16.81
CA TYR D 32 -7.59 7.75 17.29
C TYR D 32 -6.37 7.30 16.58
N HIS D 33 -5.89 8.16 15.68
CA HIS D 33 -4.93 7.79 14.68
C HIS D 33 -5.62 6.81 13.71
N GLN D 34 -5.13 5.56 13.59
CA GLN D 34 -5.85 4.54 12.86
C GLN D 34 -6.57 3.57 13.73
N GLU D 35 -6.57 3.74 15.04
CA GLU D 35 -7.00 2.67 15.93
C GLU D 35 -8.44 2.89 16.29
N GLU D 36 -9.32 1.98 15.88
CA GLU D 36 -10.67 1.99 16.36
C GLU D 36 -10.64 1.76 17.89
N TYR D 37 -11.29 2.66 18.62
CA TYR D 37 -11.31 2.56 20.09
C TYR D 37 -12.68 2.26 20.71
N VAL D 38 -13.73 2.66 20.03
CA VAL D 38 -15.07 2.40 20.49
C VAL D 38 -16.02 2.44 19.28
N ARG D 39 -17.02 1.57 19.32
CA ARG D 39 -18.00 1.49 18.27
C ARG D 39 -19.38 1.09 18.79
N PHE D 40 -20.42 1.53 18.10
CA PHE D 40 -21.77 1.03 18.31
C PHE D 40 -22.07 0.24 17.10
N ASP D 41 -22.57 -0.98 17.26
CA ASP D 41 -22.91 -1.83 16.12
C ASP D 41 -24.35 -2.21 16.34
N SER D 42 -25.22 -1.89 15.38
CA SER D 42 -26.67 -2.11 15.53
C SER D 42 -26.98 -3.54 15.84
N ASP D 43 -26.14 -4.45 15.37
CA ASP D 43 -26.28 -5.85 15.70
C ASP D 43 -26.05 -6.18 17.16
N VAL D 44 -25.27 -5.37 17.87
CA VAL D 44 -25.05 -5.51 19.30
C VAL D 44 -26.07 -4.68 20.08
N GLY D 45 -26.28 -3.44 19.65
CA GLY D 45 -27.31 -2.57 20.25
C GLY D 45 -26.84 -1.75 21.43
N GLU D 46 -25.53 -1.82 21.71
CA GLU D 46 -24.90 -0.86 22.60
C GLU D 46 -23.47 -0.64 22.13
N TYR D 47 -22.83 0.38 22.73
CA TYR D 47 -21.42 0.70 22.50
C TYR D 47 -20.53 -0.34 23.19
N ARG D 48 -19.45 -0.71 22.50
CA ARG D 48 -18.45 -1.63 22.98
C ARG D 48 -17.08 -1.06 22.69
N ALA D 49 -16.21 -1.15 23.69
CA ALA D 49 -14.85 -0.67 23.56
C ALA D 49 -14.06 -1.65 22.75
N VAL D 50 -13.34 -1.11 21.77
CA VAL D 50 -12.48 -1.91 20.91
C VAL D 50 -11.10 -1.97 21.54
N THR D 51 -10.61 -0.84 22.03
CA THR D 51 -9.32 -0.81 22.74
C THR D 51 -9.53 -0.26 24.12
N GLU D 52 -8.63 -0.52 25.06
CA GLU D 52 -8.71 0.05 26.43
C GLU D 52 -9.05 1.52 26.45
N LEU D 53 -8.53 2.23 25.47
CA LEU D 53 -8.76 3.64 25.35
C LEU D 53 -10.25 4.03 25.25
N GLY D 54 -11.08 3.09 24.79
CA GLY D 54 -12.49 3.31 24.65
C GLY D 54 -13.41 2.90 25.78
N ARG D 55 -12.90 2.28 26.82
CA ARG D 55 -13.76 1.82 27.95
C ARG D 55 -14.56 2.95 28.60
N PRO D 56 -13.88 4.07 28.87
CA PRO D 56 -14.61 5.15 29.52
C PRO D 56 -15.77 5.68 28.66
N ASP D 57 -15.57 5.67 27.34
CA ASP D 57 -16.59 6.14 26.46
C ASP D 57 -17.73 5.13 26.35
N ALA D 58 -17.39 3.85 26.22
CA ALA D 58 -18.42 2.80 26.14
C ALA D 58 -19.33 2.84 27.37
N GLU D 59 -18.73 2.96 28.55
CA GLU D 59 -19.48 2.99 29.81
C GLU D 59 -20.38 4.19 29.98
N TYR D 60 -19.85 5.36 29.67
CA TYR D 60 -20.57 6.63 29.82
C TYR D 60 -21.76 6.77 28.87
N TRP D 61 -21.51 6.48 27.60
CA TRP D 61 -22.51 6.52 26.55
C TRP D 61 -23.59 5.45 26.70
N ASN D 62 -23.22 4.24 27.10
CA ASN D 62 -24.20 3.25 27.43
C ASN D 62 -25.11 3.63 28.59
N SER D 63 -24.67 4.56 29.45
CA SER D 63 -25.53 5.07 30.56
C SER D 63 -26.54 6.15 30.11
N GLN D 64 -26.48 6.54 28.85
CA GLN D 64 -27.36 7.53 28.29
C GLN D 64 -28.45 6.85 27.43
N LYS D 65 -29.63 6.64 28.03
CA LYS D 65 -30.73 5.92 27.39
C LYS D 65 -31.17 6.57 26.09
N ASP D 66 -31.33 7.90 26.08
CA ASP D 66 -31.73 8.59 24.85
C ASP D 66 -30.71 8.36 23.76
N LEU D 67 -29.43 8.34 24.10
CA LEU D 67 -28.39 8.17 23.12
C LEU D 67 -28.53 6.81 22.47
N LEU D 68 -28.66 5.76 23.29
CA LEU D 68 -28.81 4.41 22.74
C LEU D 68 -30.05 4.22 21.85
N GLU D 69 -31.21 4.69 22.27
CA GLU D 69 -32.44 4.56 21.50
C GLU D 69 -32.21 5.26 20.15
N GLN D 70 -31.50 6.38 20.21
CA GLN D 70 -31.21 7.13 19.02
C GLN D 70 -30.31 6.36 18.06
N LYS D 71 -29.26 5.70 18.59
CA LYS D 71 -28.41 4.84 17.79
C LYS D 71 -29.13 3.58 17.27
N ARG D 72 -30.03 3.08 18.09
CA ARG D 72 -30.82 1.92 17.74
C ARG D 72 -31.80 2.17 16.65
N ALA D 73 -32.19 3.43 16.48
CA ALA D 73 -33.15 3.81 15.43
C ALA D 73 -32.45 4.14 14.14
N ALA D 74 -31.13 4.35 14.20
CA ALA D 74 -30.30 4.78 13.06
C ALA D 74 -30.44 3.89 11.84
N VAL D 75 -30.73 2.61 12.02
CA VAL D 75 -30.94 1.77 10.84
C VAL D 75 -32.04 2.33 9.97
N ASP D 76 -33.06 2.92 10.59
CA ASP D 76 -34.21 3.48 9.87
C ASP D 76 -34.11 4.98 9.64
N THR D 77 -33.82 5.75 10.67
CA THR D 77 -33.83 7.22 10.57
C THR D 77 -32.64 7.76 9.77
N TYR D 78 -31.53 7.03 9.79
CA TYR D 78 -30.30 7.49 9.17
C TYR D 78 -30.03 6.64 7.97
N CYS D 79 -29.85 5.34 8.13
CA CYS D 79 -29.42 4.50 7.02
C CYS D 79 -30.48 4.33 5.90
N ARG D 80 -31.66 3.88 6.25
CA ARG D 80 -32.71 3.74 5.26
C ARG D 80 -33.10 5.10 4.74
N HIS D 81 -33.22 6.08 5.61
CA HIS D 81 -33.56 7.42 5.14
C HIS D 81 -32.60 7.88 4.02
N ASN D 82 -31.29 7.85 4.28
CA ASN D 82 -30.32 8.28 3.30
C ASN D 82 -30.23 7.40 2.08
N TYR D 83 -30.42 6.10 2.27
CA TYR D 83 -30.51 5.19 1.15
C TYR D 83 -31.65 5.64 0.26
N GLY D 84 -32.79 5.97 0.85
CA GLY D 84 -33.89 6.60 0.11
C GLY D 84 -33.49 7.82 -0.73
N VAL D 85 -32.80 8.76 -0.09
CA VAL D 85 -32.50 10.05 -0.74
C VAL D 85 -31.59 9.86 -1.92
N GLY D 86 -30.62 8.99 -1.76
CA GLY D 86 -29.57 8.87 -2.77
C GLY D 86 -29.78 7.81 -3.83
N GLU D 87 -30.64 6.84 -3.54
CA GLU D 87 -30.86 5.69 -4.37
C GLU D 87 -30.86 6.00 -5.84
N SER D 88 -31.63 7.01 -6.25
CA SER D 88 -31.81 7.28 -7.69
C SER D 88 -30.53 7.53 -8.49
N PHE D 89 -29.50 8.09 -7.85
CA PHE D 89 -28.29 8.48 -8.56
C PHE D 89 -27.07 7.76 -8.05
N THR D 90 -27.25 6.71 -7.25
CA THR D 90 -26.12 5.91 -6.69
C THR D 90 -26.33 4.43 -6.95
N VAL D 91 -27.34 3.86 -6.31
CA VAL D 91 -27.73 2.45 -6.47
C VAL D 91 -28.18 2.16 -7.89
N GLN D 92 -28.95 3.10 -8.48
CA GLN D 92 -29.47 2.98 -9.86
C GLN D 92 -28.50 3.41 -10.94
N ARG D 93 -27.38 4.02 -10.55
CA ARG D 93 -26.47 4.59 -11.48
C ARG D 93 -25.76 3.52 -12.32
N ARG D 94 -25.88 3.66 -13.63
CA ARG D 94 -25.20 2.78 -14.60
C ARG D 94 -24.70 3.57 -15.78
N VAL D 95 -23.40 3.62 -15.96
CA VAL D 95 -22.80 4.29 -17.09
C VAL D 95 -22.07 3.21 -17.86
N TYR D 96 -22.22 3.25 -19.18
CA TYR D 96 -21.69 2.22 -20.06
C TYR D 96 -20.19 2.42 -20.18
N PRO D 97 -19.47 1.34 -20.31
CA PRO D 97 -18.06 1.43 -20.65
C PRO D 97 -17.81 1.84 -22.10
N GLU D 98 -16.62 2.36 -22.35
CA GLU D 98 -16.16 2.66 -23.70
C GLU D 98 -14.94 1.76 -23.92
N VAL D 99 -14.86 1.11 -25.08
CA VAL D 99 -13.80 0.15 -25.30
C VAL D 99 -12.94 0.57 -26.48
N THR D 100 -11.63 0.55 -26.26
CA THR D 100 -10.62 0.86 -27.25
C THR D 100 -9.54 -0.20 -27.23
N VAL D 101 -9.17 -0.72 -28.41
CA VAL D 101 -8.14 -1.72 -28.54
C VAL D 101 -7.00 -1.20 -29.38
N TYR D 102 -5.77 -1.51 -28.96
CA TYR D 102 -4.58 -1.15 -29.73
C TYR D 102 -3.37 -1.94 -29.27
N PRO D 103 -2.42 -2.22 -30.17
CA PRO D 103 -1.14 -2.76 -29.75
C PRO D 103 -0.33 -1.70 -29.06
N ALA D 104 0.45 -2.11 -28.08
CA ALA D 104 1.26 -1.19 -27.30
C ALA D 104 2.52 -0.81 -28.06
N LYS D 105 2.96 -1.69 -28.95
CA LYS D 105 4.04 -1.37 -29.86
C LYS D 105 3.78 -1.97 -31.24
N THR D 106 4.07 -1.21 -32.30
CA THR D 106 3.85 -1.70 -33.68
C THR D 106 4.96 -2.63 -34.16
N GLN D 107 4.85 -3.91 -33.80
CA GLN D 107 5.82 -4.93 -34.21
C GLN D 107 5.38 -5.81 -35.40
N PRO D 108 6.35 -6.40 -36.14
CA PRO D 108 6.00 -7.47 -37.08
C PRO D 108 5.39 -8.69 -36.42
N LEU D 109 5.08 -9.67 -37.26
CA LEU D 109 4.36 -10.85 -36.83
C LEU D 109 5.39 -11.89 -36.38
N GLN D 110 4.91 -13.05 -35.90
CA GLN D 110 5.72 -14.09 -35.18
C GLN D 110 6.69 -13.53 -34.11
N HIS D 111 6.37 -12.33 -33.60
CA HIS D 111 7.14 -11.56 -32.63
C HIS D 111 6.20 -11.13 -31.55
N HIS D 112 6.68 -11.19 -30.31
CA HIS D 112 5.89 -10.88 -29.12
C HIS D 112 5.27 -9.48 -29.16
N ASN D 113 3.99 -9.36 -28.80
CA ASN D 113 3.39 -8.03 -28.60
C ASN D 113 2.33 -8.06 -27.54
N LEU D 114 2.00 -6.89 -27.02
CA LEU D 114 0.92 -6.70 -26.09
C LEU D 114 -0.23 -5.97 -26.77
N LEU D 115 -1.36 -6.65 -26.87
CA LEU D 115 -2.56 -6.00 -27.30
C LEU D 115 -3.25 -5.48 -26.09
N VAL D 116 -3.59 -4.19 -26.13
CA VAL D 116 -4.15 -3.51 -25.00
C VAL D 116 -5.63 -3.39 -25.23
N CYS D 117 -6.42 -3.75 -24.23
CA CYS D 117 -7.84 -3.40 -24.16
C CYS D 117 -8.01 -2.41 -23.02
N SER D 118 -8.45 -1.19 -23.38
CA SER D 118 -8.72 -0.11 -22.46
C SER D 118 -10.22 0.07 -22.35
N VAL D 119 -10.77 -0.21 -21.16
CA VAL D 119 -12.18 -0.03 -20.85
C VAL D 119 -12.27 1.16 -19.92
N ASN D 120 -13.13 2.10 -20.29
CA ASN D 120 -13.16 3.41 -19.66
C ASN D 120 -14.55 3.91 -19.38
N GLY D 121 -14.68 4.64 -18.29
CA GLY D 121 -15.86 5.47 -18.04
C GLY D 121 -17.06 4.76 -17.43
N PHE D 122 -16.90 3.53 -16.94
CA PHE D 122 -18.07 2.73 -16.56
C PHE D 122 -18.33 2.84 -15.08
N TYR D 123 -19.58 2.56 -14.72
CA TYR D 123 -20.05 2.51 -13.33
C TYR D 123 -21.22 1.49 -13.28
N PRO D 124 -21.28 0.62 -12.31
CA PRO D 124 -20.33 0.50 -11.17
C PRO D 124 -19.00 -0.23 -11.45
N GLY D 125 -18.20 -0.46 -10.42
CA GLY D 125 -16.89 -1.11 -10.55
C GLY D 125 -16.84 -2.52 -11.14
N SER D 126 -17.85 -3.36 -10.90
CA SER D 126 -17.77 -4.75 -11.31
C SER D 126 -17.82 -4.85 -12.82
N ILE D 127 -16.87 -5.59 -13.38
CA ILE D 127 -16.70 -5.73 -14.83
C ILE D 127 -15.92 -7.00 -15.15
N GLU D 128 -16.19 -7.57 -16.30
CA GLU D 128 -15.50 -8.79 -16.75
C GLU D 128 -14.97 -8.48 -18.15
N VAL D 129 -13.67 -8.62 -18.36
CA VAL D 129 -13.01 -8.26 -19.61
C VAL D 129 -12.31 -9.47 -20.11
N ARG D 130 -12.69 -9.92 -21.29
CA ARG D 130 -12.24 -11.19 -21.79
C ARG D 130 -11.57 -11.04 -23.12
N TRP D 131 -10.45 -11.70 -23.27
CA TRP D 131 -9.71 -11.72 -24.52
C TRP D 131 -9.90 -13.05 -25.20
N PHE D 132 -10.20 -12.98 -26.49
CA PHE D 132 -10.33 -14.16 -27.32
C PHE D 132 -9.33 -14.09 -28.45
N ARG D 133 -8.69 -15.23 -28.76
CA ARG D 133 -7.91 -15.41 -29.97
C ARG D 133 -8.70 -16.39 -30.81
N ASN D 134 -9.30 -15.89 -31.89
CA ASN D 134 -10.14 -16.70 -32.80
C ASN D 134 -11.18 -17.58 -32.09
N GLY D 135 -11.90 -16.99 -31.17
CA GLY D 135 -13.00 -17.65 -30.53
C GLY D 135 -12.64 -18.34 -29.23
N GLN D 136 -11.35 -18.64 -29.02
CA GLN D 136 -10.84 -19.26 -27.82
C GLN D 136 -10.46 -18.17 -26.83
N GLU D 137 -11.04 -18.20 -25.65
CA GLU D 137 -10.63 -17.30 -24.58
C GLU D 137 -9.20 -17.65 -24.14
N GLU D 138 -8.46 -16.62 -23.78
CA GLU D 138 -7.11 -16.80 -23.26
C GLU D 138 -7.05 -16.10 -21.92
N LYS D 139 -6.89 -16.90 -20.88
CA LYS D 139 -6.63 -16.39 -19.54
C LYS D 139 -5.13 -16.39 -19.24
N THR D 140 -4.37 -17.20 -19.96
CA THR D 140 -2.90 -17.15 -19.94
C THR D 140 -2.40 -15.92 -20.68
N GLY D 141 -1.38 -15.30 -20.12
CA GLY D 141 -0.77 -14.11 -20.73
C GLY D 141 -1.58 -12.83 -20.60
N VAL D 142 -2.54 -12.83 -19.69
CA VAL D 142 -3.36 -11.62 -19.44
C VAL D 142 -2.73 -10.77 -18.34
N VAL D 143 -2.28 -9.57 -18.69
CA VAL D 143 -1.56 -8.68 -17.79
C VAL D 143 -2.47 -7.51 -17.52
N SER D 144 -2.99 -7.41 -16.30
CA SER D 144 -4.00 -6.41 -16.02
C SER D 144 -3.67 -5.55 -14.85
N THR D 145 -4.23 -4.37 -14.91
CA THR D 145 -4.03 -3.47 -13.81
C THR D 145 -5.12 -3.61 -12.74
N GLY D 146 -6.25 -4.20 -13.11
CA GLY D 146 -7.35 -4.34 -12.23
C GLY D 146 -8.24 -3.12 -12.32
N LEU D 147 -9.16 -3.04 -11.37
CA LEU D 147 -10.14 -2.01 -11.32
C LEU D 147 -9.52 -0.72 -10.78
N ILE D 148 -9.66 0.36 -11.55
CA ILE D 148 -9.08 1.64 -11.18
C ILE D 148 -10.24 2.62 -11.06
N GLN D 149 -10.24 3.34 -9.97
CA GLN D 149 -11.30 4.23 -9.62
C GLN D 149 -10.76 5.56 -10.08
N ASN D 150 -11.52 6.27 -10.91
CA ASN D 150 -11.12 7.60 -11.38
C ASN D 150 -11.44 8.77 -10.44
N GLY D 151 -12.22 8.50 -9.40
CA GLY D 151 -12.60 9.49 -8.41
C GLY D 151 -13.75 10.40 -8.84
N ASP D 152 -14.40 10.12 -9.96
CA ASP D 152 -15.45 10.97 -10.46
C ASP D 152 -16.70 10.16 -10.82
N TRP D 153 -16.94 9.07 -10.11
CA TRP D 153 -18.06 8.14 -10.35
C TRP D 153 -17.95 7.39 -11.65
N THR D 154 -16.71 7.09 -12.01
CA THR D 154 -16.38 6.21 -13.11
C THR D 154 -15.12 5.43 -12.76
N PHE D 155 -15.00 4.28 -13.41
CA PHE D 155 -13.84 3.45 -13.33
C PHE D 155 -13.28 3.23 -14.74
N GLN D 156 -12.02 2.79 -14.76
CA GLN D 156 -11.39 2.19 -15.91
C GLN D 156 -10.67 0.90 -15.53
N THR D 157 -10.41 0.07 -16.53
CA THR D 157 -9.42 -0.99 -16.40
C THR D 157 -8.68 -1.19 -17.73
N LEU D 158 -7.39 -1.47 -17.65
CA LEU D 158 -6.60 -1.80 -18.83
C LEU D 158 -6.13 -3.27 -18.72
N VAL D 159 -6.54 -4.06 -19.71
CA VAL D 159 -6.28 -5.49 -19.76
C VAL D 159 -5.50 -5.77 -21.03
N MET D 160 -4.23 -6.13 -20.86
CA MET D 160 -3.37 -6.42 -22.00
C MET D 160 -3.27 -7.92 -22.20
N LEU D 161 -3.07 -8.35 -23.43
CA LEU D 161 -2.82 -9.77 -23.75
C LEU D 161 -1.47 -9.99 -24.42
N GLU D 162 -0.70 -10.95 -23.95
CA GLU D 162 0.55 -11.32 -24.61
C GLU D 162 0.25 -12.20 -25.81
N THR D 163 0.52 -11.67 -26.97
CA THR D 163 0.35 -12.41 -28.19
C THR D 163 1.66 -12.68 -28.81
N VAL D 164 1.61 -13.60 -29.75
CA VAL D 164 2.53 -13.58 -30.86
C VAL D 164 1.62 -13.70 -32.09
N PRO D 165 1.15 -12.55 -32.62
CA PRO D 165 0.31 -12.64 -33.81
C PRO D 165 0.97 -13.38 -35.01
N ARG D 166 0.23 -14.34 -35.58
CA ARG D 166 0.47 -14.84 -36.92
C ARG D 166 -0.69 -14.36 -37.83
N SER D 167 -0.50 -14.59 -39.13
CA SER D 167 -1.27 -13.89 -40.17
C SER D 167 -2.69 -14.48 -40.33
N GLY D 168 -3.66 -13.61 -40.67
CA GLY D 168 -5.10 -13.91 -40.67
C GLY D 168 -5.72 -14.28 -39.35
N GLU D 169 -5.06 -13.92 -38.25
CA GLU D 169 -5.62 -14.15 -36.91
C GLU D 169 -6.48 -12.98 -36.52
N VAL D 170 -7.58 -13.25 -35.83
CA VAL D 170 -8.46 -12.23 -35.32
C VAL D 170 -8.55 -12.36 -33.78
N TYR D 171 -8.48 -11.22 -33.10
CA TYR D 171 -8.49 -11.16 -31.65
C TYR D 171 -9.66 -10.29 -31.24
N THR D 172 -10.37 -10.65 -30.18
CA THR D 172 -11.50 -9.83 -29.72
C THR D 172 -11.40 -9.58 -28.24
N CYS D 173 -11.67 -8.33 -27.83
CA CYS D 173 -11.82 -7.97 -26.41
C CYS D 173 -13.30 -7.86 -26.17
N GLN D 174 -13.79 -8.61 -25.21
CA GLN D 174 -15.22 -8.70 -24.96
C GLN D 174 -15.47 -8.15 -23.56
N VAL D 175 -16.41 -7.25 -23.39
CA VAL D 175 -16.65 -6.64 -22.09
C VAL D 175 -18.05 -6.94 -21.61
N GLU D 176 -18.18 -7.35 -20.35
CA GLU D 176 -19.47 -7.55 -19.75
C GLU D 176 -19.57 -6.65 -18.54
N HIS D 177 -20.77 -6.20 -18.29
CA HIS D 177 -21.01 -5.15 -17.31
C HIS D 177 -22.49 -5.04 -17.06
N PRO D 178 -22.88 -4.75 -15.81
CA PRO D 178 -24.33 -4.71 -15.51
C PRO D 178 -25.18 -3.70 -16.33
N SER D 179 -24.59 -2.58 -16.73
CA SER D 179 -25.24 -1.65 -17.63
C SER D 179 -25.66 -2.27 -18.97
N LEU D 180 -24.90 -3.26 -19.45
CA LEU D 180 -25.09 -3.95 -20.74
C LEU D 180 -25.89 -5.24 -20.62
N THR D 181 -26.79 -5.48 -21.58
CA THR D 181 -27.53 -6.74 -21.71
C THR D 181 -26.84 -7.71 -22.69
N SER D 182 -25.89 -7.21 -23.49
CA SER D 182 -24.98 -8.03 -24.28
C SER D 182 -23.56 -7.48 -24.23
N PRO D 183 -22.55 -8.33 -24.42
CA PRO D 183 -21.19 -7.83 -24.41
C PRO D 183 -20.90 -6.80 -25.49
N LEU D 184 -20.05 -5.83 -25.17
CA LEU D 184 -19.41 -4.98 -26.17
C LEU D 184 -18.19 -5.70 -26.61
N THR D 185 -18.07 -5.89 -27.93
CA THR D 185 -16.89 -6.53 -28.49
C THR D 185 -16.17 -5.53 -29.43
N VAL D 186 -14.83 -5.59 -29.34
CA VAL D 186 -13.95 -4.82 -30.20
C VAL D 186 -12.90 -5.78 -30.78
N GLU D 187 -12.78 -5.76 -32.11
CA GLU D 187 -11.86 -6.64 -32.85
C GLU D 187 -10.50 -5.99 -33.15
N TRP D 188 -9.51 -6.84 -33.35
CA TRP D 188 -8.23 -6.42 -33.87
C TRP D 188 -7.68 -7.52 -34.74
N ARG D 189 -7.44 -7.18 -36.01
CA ARG D 189 -6.94 -8.14 -36.98
C ARG D 189 -5.44 -7.97 -37.15
N ALA D 190 -4.72 -9.10 -37.24
CA ALA D 190 -3.26 -9.09 -37.37
C ALA D 190 -2.83 -8.69 -38.77
N SER D 191 -3.44 -9.30 -39.77
CA SER D 191 -3.29 -8.90 -41.17
C SER D 191 -4.61 -9.19 -41.86
N SER E 2 34.33 -14.87 18.33
CA SER E 2 34.37 -14.78 16.83
C SER E 2 33.13 -15.38 16.17
N LYS E 3 32.61 -16.50 16.71
CA LYS E 3 31.31 -17.07 16.31
C LYS E 3 30.29 -16.96 17.47
N GLY E 4 29.45 -15.93 17.39
CA GLY E 4 28.36 -15.67 18.36
C GLY E 4 27.02 -16.37 18.09
N LEU E 5 26.24 -16.62 19.14
CA LEU E 5 24.94 -17.30 19.05
C LEU E 5 23.75 -16.34 19.28
N PHE E 6 22.82 -16.28 18.31
CA PHE E 6 21.60 -15.46 18.45
C PHE E 6 20.64 -16.11 19.45
N ARG E 7 20.10 -15.31 20.36
CA ARG E 7 19.11 -15.78 21.32
C ARG E 7 17.69 -15.45 20.87
N ALA E 8 16.79 -16.42 21.00
CA ALA E 8 15.37 -16.22 20.68
C ALA E 8 14.63 -15.74 21.91
N ALA E 9 13.81 -14.70 21.76
CA ALA E 9 12.82 -14.35 22.77
C ALA E 9 11.65 -15.33 22.68
N VAL E 10 11.00 -15.63 23.80
CA VAL E 10 9.98 -16.70 23.87
C VAL E 10 8.60 -16.08 24.12
N PRO E 11 7.59 -16.50 23.35
CA PRO E 11 6.23 -16.07 23.64
C PRO E 11 5.62 -16.82 24.82
N SER E 12 4.79 -16.11 25.59
CA SER E 12 4.13 -16.68 26.77
C SER E 12 2.83 -17.35 26.37
N GLY E 13 2.44 -18.38 27.10
CA GLY E 13 1.17 -19.09 26.88
C GLY E 13 0.01 -18.27 27.40
N ALA E 14 -1.02 -18.11 26.58
CA ALA E 14 -2.17 -17.26 26.90
C ALA E 14 -3.09 -17.87 27.95
N SER E 15 -3.98 -17.03 28.50
CA SER E 15 -5.06 -17.46 29.38
C SER E 15 -6.30 -17.87 28.54
N SER F 2 -38.05 19.25 -6.07
CA SER F 2 -38.43 18.57 -4.79
C SER F 2 -37.31 17.64 -4.27
N LYS F 3 -36.47 18.20 -3.41
CA LYS F 3 -35.21 17.56 -3.01
C LYS F 3 -35.28 16.82 -1.68
N GLY F 4 -34.92 15.54 -1.69
CA GLY F 4 -34.77 14.77 -0.46
C GLY F 4 -33.58 15.30 0.33
N LEU F 5 -33.62 15.14 1.65
CA LEU F 5 -32.60 15.70 2.56
C LEU F 5 -31.73 14.63 3.19
N PHE F 6 -30.42 14.76 3.03
CA PHE F 6 -29.48 13.83 3.67
C PHE F 6 -29.38 14.16 5.15
N ARG F 7 -29.47 13.14 6.00
CA ARG F 7 -29.33 13.35 7.45
C ARG F 7 -27.92 13.02 7.92
N ALA F 8 -27.38 13.86 8.80
CA ALA F 8 -26.09 13.63 9.43
C ALA F 8 -26.27 12.80 10.69
N ALA F 9 -25.49 11.75 10.85
CA ALA F 9 -25.33 11.12 12.17
C ALA F 9 -24.39 12.00 12.99
N VAL F 10 -24.60 12.04 14.29
CA VAL F 10 -23.90 12.99 15.16
C VAL F 10 -22.91 12.21 16.05
N PRO F 11 -21.65 12.68 16.15
CA PRO F 11 -20.71 12.05 17.07
C PRO F 11 -21.02 12.46 18.50
N SER F 12 -20.85 11.51 19.42
CA SER F 12 -21.14 11.74 20.82
C SER F 12 -19.96 12.39 21.49
N GLY F 13 -20.23 13.19 22.51
CA GLY F 13 -19.17 13.84 23.29
C GLY F 13 -18.51 12.83 24.20
N ALA F 14 -17.18 12.77 24.16
CA ALA F 14 -16.44 11.75 24.89
C ALA F 14 -16.42 11.99 26.40
N SER F 15 -16.05 10.94 27.13
CA SER F 15 -15.92 11.00 28.59
C SER F 15 -14.54 11.54 28.96
C1 MLA G . -29.95 8.91 14.08
O1A MLA G . -30.10 9.70 13.12
O1B MLA G . -30.92 8.44 14.75
C2 MLA G . -28.53 8.49 14.44
C3 MLA G . -27.58 9.66 14.69
O3A MLA G . -26.38 9.38 14.82
O3B MLA G . -27.98 10.84 14.79
#